data_2RKW
#
_entry.id   2RKW
#
_cell.length_a   73.052
_cell.length_b   96.094
_cell.length_c   129.941
_cell.angle_alpha   90.00
_cell.angle_beta   90.00
_cell.angle_gamma   90.00
#
_symmetry.space_group_name_H-M   'P 21 21 21'
#
_entity_poly.entity_id   1
_entity_poly.type   'polypeptide(L)'
_entity_poly.pdbx_seq_one_letter_code
;MKHHHHHHPMVKEYKTITQIAGPLIFVEKTEPVGYNEIVNIKMGDGTVRRGQVLDSSADIVVVQVFEGTGGLDKDCGVIF
TGETLKLPASVDLLGRILSGSGEPRDGGPRIVPDQLLDINGAAMNPYARLPPKDFIQTGISTIDGTNTLVRGQKLPIFSA
SGLPHNEIALQIARQASVPGSESAFAVVFAAMGITNEEAQYFMSDFEKTGALERAVVFLNLADDPAVERIVTPRMALTAA
EYLAYEHGMHVLVILTDITNYAEALRQMGAARNEVPGRRGYPGYMYTDLATLYERAGIVKGAKGSVTQIPILSMPGDDIT
HPIPDLSGYITEGQIVVARELHRKGIYPPINVLPSLSRLMNSGIGAGKTREDHKAVSDQMYAGYAEGRDLRGLVAIVGKE
ALSERDTKFLEFADLFEDKFVRQGWNENRTIEDTLEIGWQILTHLPENQLGRIDNKYIQKYHPAHRKAK
;
_entity_poly.pdbx_strand_id   A,B
#
# COMPACT_ATOMS: atom_id res chain seq x y z
N ILE A 20 16.17 19.85 12.71
CA ILE A 20 17.02 19.90 13.95
C ILE A 20 17.08 18.55 14.66
N ALA A 21 18.27 18.22 15.16
CA ALA A 21 18.56 16.90 15.74
C ALA A 21 17.71 16.62 16.98
N GLY A 22 18.11 17.20 18.12
CA GLY A 22 17.36 17.09 19.38
C GLY A 22 17.02 15.67 19.80
N PRO A 23 17.95 15.00 20.50
CA PRO A 23 17.72 13.62 20.92
C PRO A 23 16.76 13.55 22.11
N LEU A 24 15.48 13.30 21.82
CA LEU A 24 14.44 13.20 22.85
C LEU A 24 14.65 12.01 23.76
N ILE A 25 14.56 12.27 25.07
CA ILE A 25 14.65 11.24 26.09
C ILE A 25 13.66 11.55 27.21
N PHE A 26 13.19 10.50 27.87
CA PHE A 26 12.11 10.63 28.84
C PHE A 26 12.58 10.45 30.27
N VAL A 27 12.32 11.46 31.08
CA VAL A 27 12.93 11.61 32.39
C VAL A 27 11.96 11.38 33.53
N GLU A 28 12.43 10.61 34.52
CA GLU A 28 11.70 10.31 35.74
C GLU A 28 11.47 11.60 36.55
N LYS A 29 10.24 12.11 36.52
CA LYS A 29 9.90 13.36 37.22
C LYS A 29 9.88 13.16 38.73
N THR A 30 10.61 14.03 39.44
CA THR A 30 10.62 14.04 40.90
C THR A 30 9.85 15.26 41.42
N GLU A 31 10.35 16.45 41.08
CA GLU A 31 9.66 17.71 41.38
C GLU A 31 9.29 18.46 40.08
N PRO A 32 8.21 19.28 40.13
CA PRO A 32 7.70 19.97 38.94
C PRO A 32 8.71 20.91 38.27
N VAL A 33 8.87 20.75 36.96
CA VAL A 33 9.84 21.53 36.19
C VAL A 33 9.16 22.34 35.09
N GLY A 34 9.59 23.58 34.92
CA GLY A 34 9.00 24.49 33.96
C GLY A 34 9.42 24.24 32.53
N TYR A 35 8.80 24.96 31.60
CA TYR A 35 9.10 24.87 30.18
C TYR A 35 10.44 25.56 29.85
N ASN A 36 11.22 24.94 28.96
CA ASN A 36 12.54 25.43 28.54
C ASN A 36 13.59 25.51 29.64
N GLU A 37 13.43 24.66 30.65
CA GLU A 37 14.39 24.58 31.75
C GLU A 37 15.59 23.75 31.30
N ILE A 38 16.76 24.07 31.84
CA ILE A 38 17.98 23.34 31.50
C ILE A 38 18.32 22.32 32.60
N VAL A 39 18.54 21.06 32.20
CA VAL A 39 18.63 19.97 33.16
C VAL A 39 19.75 18.94 32.96
N ASN A 40 20.26 18.43 34.08
CA ASN A 40 21.26 17.36 34.08
C ASN A 40 20.64 16.05 34.52
N ILE A 41 20.74 15.04 33.67
CA ILE A 41 20.07 13.76 33.90
C ILE A 41 20.97 12.57 33.57
N LYS A 42 21.09 11.63 34.51
CA LYS A 42 21.96 10.45 34.29
C LYS A 42 21.24 9.28 33.65
N MET A 43 21.92 8.62 32.72
CA MET A 43 21.33 7.56 31.91
C MET A 43 21.18 6.24 32.67
N GLY A 44 20.55 5.26 32.00
CA GLY A 44 20.56 3.87 32.45
C GLY A 44 22.01 3.44 32.60
N ASP A 45 22.84 3.96 31.71
CA ASP A 45 24.29 3.97 31.88
C ASP A 45 24.70 5.35 32.39
N GLY A 46 24.70 5.52 33.71
CA GLY A 46 24.85 6.84 34.33
C GLY A 46 25.88 7.75 33.69
N THR A 47 25.42 8.77 32.96
CA THR A 47 26.30 9.78 32.38
C THR A 47 25.75 11.19 32.64
N VAL A 48 25.49 11.95 31.58
CA VAL A 48 24.94 13.30 31.66
C VAL A 48 24.28 13.64 30.33
N ARG A 49 23.45 14.68 30.29
CA ARG A 49 22.83 15.06 29.02
C ARG A 49 22.58 16.56 28.77
N ARG A 50 22.56 16.90 27.48
CA ARG A 50 22.30 18.26 26.96
C ARG A 50 20.86 18.68 27.28
N GLY A 51 20.57 18.80 28.57
CA GLY A 51 19.20 18.83 29.07
C GLY A 51 18.41 20.09 28.87
N GLN A 52 17.34 19.99 28.07
CA GLN A 52 16.37 21.06 27.88
C GLN A 52 14.94 20.51 27.85
N VAL A 53 14.13 20.88 28.85
CA VAL A 53 12.79 20.32 29.05
C VAL A 53 11.78 20.81 28.01
N LEU A 54 11.12 19.86 27.36
CA LEU A 54 10.06 20.17 26.40
C LEU A 54 8.66 20.14 27.05
N ASP A 55 8.37 19.09 27.81
CA ASP A 55 7.03 18.88 28.37
C ASP A 55 7.02 18.20 29.74
N SER A 56 6.14 18.69 30.62
CA SER A 56 5.94 18.15 31.97
C SER A 56 4.51 17.64 32.15
N SER A 57 4.37 16.43 32.69
CA SER A 57 3.05 15.82 32.88
C SER A 57 2.93 15.00 34.16
N ALA A 58 2.78 13.68 34.03
CA ALA A 58 2.57 12.77 35.16
C ALA A 58 3.87 12.49 35.92
N ASP A 59 4.23 11.22 36.04
CA ASP A 59 5.52 10.85 36.63
C ASP A 59 6.57 10.67 35.53
N ILE A 60 6.45 11.51 34.48
CA ILE A 60 7.34 11.52 33.32
C ILE A 60 7.49 12.95 32.81
N VAL A 61 8.71 13.32 32.44
CA VAL A 61 8.96 14.56 31.68
C VAL A 61 9.74 14.28 30.40
N VAL A 62 9.47 15.06 29.36
CA VAL A 62 10.11 14.88 28.07
C VAL A 62 11.21 15.92 27.87
N VAL A 63 12.44 15.43 27.67
CA VAL A 63 13.62 16.27 27.53
C VAL A 63 14.35 15.96 26.23
N GLN A 64 15.21 16.88 25.79
CA GLN A 64 16.09 16.64 24.64
C GLN A 64 17.54 16.93 25.01
N ILE A 79 14.84 16.64 43.52
CA ILE A 79 15.17 17.93 44.13
C ILE A 79 15.48 19.03 43.10
N PHE A 80 16.48 18.77 42.27
CA PHE A 80 16.88 19.65 41.15
C PHE A 80 17.65 18.81 40.14
N THR A 81 17.24 18.88 38.88
CA THR A 81 17.81 18.09 37.79
C THR A 81 17.82 16.57 38.08
N GLY A 82 16.82 15.88 37.54
CA GLY A 82 16.54 14.48 37.88
C GLY A 82 17.38 13.42 37.19
N GLU A 83 16.84 12.21 37.11
CA GLU A 83 17.55 11.04 36.55
C GLU A 83 16.98 10.68 35.18
N THR A 84 16.40 9.48 35.05
CA THR A 84 15.82 9.01 33.79
C THR A 84 14.77 7.90 34.02
N LEU A 85 13.74 7.89 33.18
CA LEU A 85 12.70 6.86 33.28
C LEU A 85 13.16 5.55 32.66
N LYS A 86 13.24 4.51 33.49
CA LYS A 86 13.75 3.22 33.05
C LYS A 86 12.74 2.10 33.25
N LEU A 87 12.66 1.21 32.28
CA LEU A 87 11.83 0.02 32.37
C LEU A 87 12.50 -0.99 33.30
N PRO A 88 11.76 -1.49 34.29
CA PRO A 88 12.29 -2.55 35.13
C PRO A 88 12.24 -3.89 34.41
N ALA A 89 13.25 -4.15 33.59
CA ALA A 89 13.30 -5.35 32.77
C ALA A 89 13.54 -6.61 33.60
N SER A 90 12.75 -7.66 33.33
CA SER A 90 12.83 -8.91 34.07
C SER A 90 12.42 -10.11 33.25
N VAL A 91 12.95 -11.28 33.62
CA VAL A 91 12.64 -12.56 32.98
C VAL A 91 11.17 -12.94 33.17
N ASP A 92 10.62 -12.59 34.32
CA ASP A 92 9.19 -12.77 34.57
C ASP A 92 8.39 -11.45 34.41
N LEU A 93 8.77 -10.68 33.38
CA LEU A 93 7.89 -9.65 32.83
C LEU A 93 6.79 -10.32 32.01
N LEU A 94 7.14 -11.44 31.39
CA LEU A 94 6.18 -12.28 30.69
C LEU A 94 5.18 -12.83 31.72
N GLY A 95 3.89 -12.70 31.40
CA GLY A 95 2.82 -13.12 32.30
C GLY A 95 2.10 -11.96 32.96
N ARG A 96 2.58 -10.73 32.72
CA ARG A 96 2.11 -9.55 33.44
C ARG A 96 1.50 -8.48 32.53
N ILE A 97 0.64 -7.65 33.09
CA ILE A 97 0.00 -6.54 32.37
C ILE A 97 0.40 -5.21 32.98
N LEU A 98 1.01 -4.34 32.17
CA LEU A 98 1.49 -3.04 32.62
C LEU A 98 0.83 -1.92 31.83
N SER A 99 1.54 -0.80 31.64
CA SER A 99 1.01 0.38 30.92
C SER A 99 2.08 1.39 30.49
N GLY A 100 2.92 1.83 31.44
CA GLY A 100 3.91 2.88 31.22
C GLY A 100 4.31 3.51 32.54
N SER A 101 3.63 4.62 32.90
CA SER A 101 3.82 5.23 34.22
C SER A 101 2.75 4.74 35.20
N GLY A 102 3.11 4.74 36.50
CA GLY A 102 2.37 3.97 37.49
C GLY A 102 2.88 2.55 37.32
N GLU A 103 2.11 1.73 36.61
CA GLU A 103 2.58 0.51 35.91
C GLU A 103 1.57 -0.64 35.76
N PRO A 104 1.40 -1.49 36.80
CA PRO A 104 0.54 -2.67 36.60
C PRO A 104 -0.96 -2.32 36.61
N ARG A 105 -1.71 -3.03 35.78
CA ARG A 105 -3.16 -2.85 35.74
C ARG A 105 -3.88 -4.16 36.09
N ASP A 106 -3.19 -5.04 36.81
CA ASP A 106 -3.69 -6.39 37.04
C ASP A 106 -3.74 -6.83 38.50
N GLY A 107 -3.02 -6.11 39.37
CA GLY A 107 -2.86 -6.56 40.74
C GLY A 107 -1.81 -7.67 40.80
N GLY A 108 -0.57 -7.30 41.09
CA GLY A 108 -0.21 -5.90 41.31
C GLY A 108 1.14 -5.65 41.95
N PRO A 109 1.97 -6.70 42.13
CA PRO A 109 3.24 -6.42 42.75
C PRO A 109 4.26 -6.01 41.68
N ARG A 110 4.43 -4.70 41.49
CA ARG A 110 5.33 -4.16 40.46
C ARG A 110 6.64 -4.95 40.39
N ILE A 111 7.05 -5.29 39.17
CA ILE A 111 8.14 -6.26 38.92
C ILE A 111 9.45 -5.96 39.65
N VAL A 112 10.04 -7.02 40.21
CA VAL A 112 11.42 -6.93 40.68
C VAL A 112 12.36 -7.10 39.48
N PRO A 113 13.26 -6.13 39.26
CA PRO A 113 14.09 -6.12 38.07
C PRO A 113 15.29 -7.07 38.16
N ASP A 114 15.90 -7.35 37.01
CA ASP A 114 17.23 -7.91 36.95
C ASP A 114 18.09 -7.08 35.99
N GLN A 115 17.52 -5.97 35.51
CA GLN A 115 18.24 -4.90 34.83
C GLN A 115 17.32 -3.71 34.56
N LEU A 116 17.73 -2.52 34.99
CA LEU A 116 17.03 -1.29 34.65
C LEU A 116 17.55 -0.79 33.33
N LEU A 117 16.65 -0.41 32.42
CA LEU A 117 17.03 -0.07 31.05
C LEU A 117 16.35 1.16 30.48
N ASP A 118 17.14 2.07 29.91
CA ASP A 118 16.60 3.27 29.25
C ASP A 118 15.70 2.94 28.08
N ILE A 119 14.62 3.70 27.94
CA ILE A 119 13.47 3.29 27.12
C ILE A 119 13.58 3.55 25.61
N ASN A 120 14.16 4.68 25.23
CA ASN A 120 14.17 5.08 23.82
C ASN A 120 15.21 4.37 22.95
N GLY A 121 15.89 3.37 23.51
CA GLY A 121 16.69 2.44 22.72
C GLY A 121 18.20 2.56 22.83
N ALA A 122 18.67 3.33 23.81
CA ALA A 122 20.11 3.46 24.05
C ALA A 122 20.63 2.20 24.75
N ALA A 123 19.72 1.53 25.44
CA ALA A 123 20.01 0.45 26.38
C ALA A 123 21.18 -0.49 26.09
N MET A 124 21.18 -1.16 24.93
CA MET A 124 22.11 -2.29 24.76
C MET A 124 23.39 -2.15 23.90
N ASN A 125 23.31 -2.03 22.57
CA ASN A 125 22.11 -2.02 21.76
C ASN A 125 22.14 -3.28 20.89
N PRO A 126 21.00 -3.95 20.73
CA PRO A 126 20.98 -5.38 20.47
C PRO A 126 20.92 -5.84 19.01
N TYR A 127 20.79 -4.92 18.05
CA TYR A 127 20.50 -5.33 16.68
C TYR A 127 21.71 -5.74 15.86
N ALA A 128 21.58 -6.88 15.19
CA ALA A 128 22.56 -7.34 14.22
C ALA A 128 22.24 -6.75 12.86
N ARG A 129 23.27 -6.25 12.17
CA ARG A 129 23.11 -5.84 10.78
C ARG A 129 23.04 -7.08 9.86
N LEU A 130 21.88 -7.73 9.89
CA LEU A 130 21.62 -8.97 9.17
C LEU A 130 20.18 -9.01 8.71
N PRO A 131 19.91 -9.71 7.60
CA PRO A 131 18.58 -9.72 7.02
C PRO A 131 17.61 -10.63 7.79
N PRO A 132 16.33 -10.23 7.91
CA PRO A 132 15.31 -11.09 8.49
C PRO A 132 15.26 -12.46 7.79
N LYS A 133 15.01 -13.54 8.54
CA LYS A 133 15.23 -14.88 7.99
C LYS A 133 14.14 -15.95 8.08
N ASP A 134 13.84 -16.48 9.26
CA ASP A 134 13.22 -17.82 9.32
C ASP A 134 11.72 -18.00 9.57
N PHE A 135 10.92 -16.93 9.43
CA PHE A 135 9.43 -17.02 9.42
C PHE A 135 8.71 -17.28 10.74
N ILE A 136 7.55 -16.63 10.89
CA ILE A 136 6.67 -16.80 12.04
C ILE A 136 5.31 -17.31 11.58
N GLN A 137 4.78 -18.30 12.29
CA GLN A 137 3.44 -18.80 11.99
C GLN A 137 2.39 -18.06 12.80
N THR A 138 1.50 -17.35 12.13
CA THR A 138 0.51 -16.50 12.79
C THR A 138 -0.87 -17.15 12.89
N GLY A 139 -1.06 -18.26 12.18
CA GLY A 139 -2.35 -18.97 12.17
C GLY A 139 -3.37 -18.35 11.22
N ILE A 140 -3.07 -17.16 10.71
CA ILE A 140 -3.91 -16.50 9.73
C ILE A 140 -3.33 -16.72 8.35
N SER A 141 -4.11 -17.34 7.48
CA SER A 141 -3.64 -17.83 6.18
C SER A 141 -3.26 -16.72 5.22
N THR A 142 -4.12 -15.72 5.09
CA THR A 142 -3.86 -14.59 4.21
C THR A 142 -2.57 -13.82 4.57
N ILE A 143 -2.10 -14.01 5.79
CA ILE A 143 -0.76 -13.55 6.18
C ILE A 143 0.24 -14.66 5.87
N ASP A 144 0.09 -15.79 6.56
CA ASP A 144 1.02 -16.92 6.46
C ASP A 144 1.21 -17.43 5.05
N GLY A 145 0.10 -17.80 4.41
CA GLY A 145 0.14 -18.39 3.08
C GLY A 145 0.72 -17.46 2.05
N THR A 146 0.20 -16.24 1.99
CA THR A 146 0.50 -15.33 0.88
C THR A 146 1.44 -14.16 1.20
N ASN A 147 1.45 -13.68 2.45
CA ASN A 147 2.33 -12.56 2.83
C ASN A 147 3.09 -12.85 4.12
N THR A 148 3.91 -13.89 4.06
CA THR A 148 4.56 -14.47 5.22
C THR A 148 5.22 -13.46 6.13
N LEU A 149 5.10 -13.68 7.44
CA LEU A 149 5.74 -12.82 8.43
C LEU A 149 7.05 -13.42 8.89
N VAL A 150 8.14 -12.78 8.52
CA VAL A 150 9.48 -13.30 8.75
C VAL A 150 10.18 -12.70 9.96
N ARG A 151 10.78 -13.57 10.76
CA ARG A 151 11.54 -13.16 11.93
C ARG A 151 12.46 -11.95 11.66
N GLY A 152 12.01 -10.78 12.10
CA GLY A 152 12.80 -9.54 11.98
C GLY A 152 12.16 -8.45 11.15
N GLN A 153 10.90 -8.65 10.77
CA GLN A 153 10.16 -7.75 9.89
C GLN A 153 9.54 -6.50 10.53
N LYS A 154 9.18 -5.55 9.65
CA LYS A 154 8.38 -4.39 9.99
C LYS A 154 7.18 -4.41 9.06
N LEU A 155 6.23 -5.31 9.33
CA LEU A 155 5.06 -5.50 8.48
C LEU A 155 3.83 -4.82 9.09
N PRO A 156 3.56 -3.55 8.70
CA PRO A 156 2.43 -2.88 9.30
C PRO A 156 1.12 -3.45 8.81
N ILE A 157 0.05 -3.30 9.58
CA ILE A 157 -1.26 -3.56 9.02
C ILE A 157 -1.94 -2.24 8.65
N PHE A 158 -2.27 -2.13 7.37
CA PHE A 158 -2.96 -0.98 6.87
C PHE A 158 -4.43 -1.25 7.05
N SER A 159 -5.14 -0.32 7.72
CA SER A 159 -6.56 -0.45 7.99
C SER A 159 -7.23 0.92 8.07
N ALA A 160 -8.53 0.95 8.35
CA ALA A 160 -9.30 2.19 8.39
C ALA A 160 -10.20 2.24 9.60
N SER A 161 -10.63 3.45 9.94
CA SER A 161 -11.54 3.69 11.04
C SER A 161 -12.76 2.77 10.92
N GLY A 162 -13.07 2.08 12.01
CA GLY A 162 -14.25 1.23 12.08
C GLY A 162 -14.13 -0.06 11.32
N LEU A 163 -12.95 -0.68 11.42
CA LEU A 163 -12.70 -2.04 10.90
C LEU A 163 -12.04 -2.88 12.00
N PRO A 164 -12.16 -4.22 11.92
CA PRO A 164 -11.75 -5.01 13.09
C PRO A 164 -10.26 -5.35 13.17
N HIS A 165 -9.40 -4.35 13.30
CA HIS A 165 -7.97 -4.65 13.33
C HIS A 165 -7.48 -5.17 14.66
N ASN A 166 -7.81 -4.46 15.74
CA ASN A 166 -7.48 -4.90 17.09
C ASN A 166 -7.99 -6.32 17.34
N GLU A 167 -9.14 -6.62 16.75
CA GLU A 167 -9.68 -7.95 16.74
C GLU A 167 -8.66 -8.91 16.14
N ILE A 168 -8.21 -8.61 14.91
CA ILE A 168 -7.20 -9.47 14.25
C ILE A 168 -5.85 -9.47 14.99
N ALA A 169 -5.51 -8.34 15.60
CA ALA A 169 -4.29 -8.23 16.37
C ALA A 169 -4.25 -9.31 17.44
N LEU A 170 -5.32 -9.42 18.21
CA LEU A 170 -5.45 -10.44 19.24
C LEU A 170 -5.30 -11.84 18.70
N GLN A 171 -5.93 -12.12 17.57
CA GLN A 171 -5.85 -13.46 17.02
C GLN A 171 -4.39 -13.89 16.88
N ILE A 172 -3.64 -13.10 16.11
CA ILE A 172 -2.22 -13.36 15.91
C ILE A 172 -1.47 -13.30 17.23
N ALA A 173 -2.07 -12.64 18.22
CA ALA A 173 -1.46 -12.47 19.53
C ALA A 173 -1.60 -13.71 20.36
N ARG A 174 -2.76 -14.36 20.25
CA ARG A 174 -2.98 -15.61 20.99
C ARG A 174 -2.40 -16.79 20.21
N GLN A 175 -2.31 -16.68 18.89
CA GLN A 175 -1.95 -17.82 18.05
C GLN A 175 -0.46 -17.94 17.74
N ALA A 176 0.22 -16.82 17.58
CA ALA A 176 1.56 -16.81 17.01
C ALA A 176 2.55 -17.80 17.65
N SER A 177 3.36 -18.42 16.79
CA SER A 177 4.52 -19.24 17.20
C SER A 177 5.51 -19.46 16.05
N VAL A 178 6.63 -20.09 16.37
CA VAL A 178 7.67 -20.40 15.41
C VAL A 178 8.02 -21.88 15.45
N PRO A 179 7.28 -22.71 14.69
CA PRO A 179 7.64 -24.12 14.54
C PRO A 179 9.05 -24.27 14.00
N GLY A 180 9.81 -25.19 14.58
CA GLY A 180 11.19 -25.44 14.19
C GLY A 180 12.17 -25.06 15.28
N SER A 181 12.88 -23.95 15.06
CA SER A 181 13.99 -23.52 15.92
C SER A 181 13.68 -23.62 17.42
N GLU A 182 14.66 -24.10 18.18
CA GLU A 182 14.53 -24.21 19.63
C GLU A 182 14.98 -22.92 20.34
N SER A 183 14.24 -21.85 20.07
CA SER A 183 14.35 -20.60 20.82
C SER A 183 12.95 -20.16 21.19
N ALA A 184 12.71 -19.93 22.48
CA ALA A 184 11.42 -19.52 23.01
C ALA A 184 10.78 -18.36 22.23
N PHE A 185 9.46 -18.26 22.28
CA PHE A 185 8.76 -17.21 21.57
C PHE A 185 7.87 -16.36 22.48
N ALA A 186 8.27 -15.12 22.68
CA ALA A 186 7.51 -14.18 23.50
C ALA A 186 6.64 -13.28 22.62
N VAL A 187 5.64 -12.64 23.23
CA VAL A 187 4.80 -11.67 22.56
C VAL A 187 4.65 -10.47 23.45
N VAL A 188 5.05 -9.30 22.94
CA VAL A 188 4.73 -8.03 23.59
C VAL A 188 3.53 -7.41 22.88
N PHE A 189 2.53 -7.03 23.67
CA PHE A 189 1.34 -6.42 23.11
C PHE A 189 1.14 -5.03 23.70
N ALA A 190 1.05 -4.03 22.82
CA ALA A 190 0.95 -2.66 23.28
C ALA A 190 -0.22 -1.95 22.63
N ALA A 191 -1.08 -1.38 23.46
CA ALA A 191 -2.23 -0.62 22.97
C ALA A 191 -2.13 0.86 23.34
N MET A 192 -2.55 1.72 22.42
CA MET A 192 -2.50 3.16 22.62
C MET A 192 -3.87 3.82 22.39
N GLY A 193 -4.18 4.77 23.26
CA GLY A 193 -5.43 5.51 23.20
C GLY A 193 -6.71 4.69 23.07
N ILE A 194 -6.80 3.63 23.86
CA ILE A 194 -7.98 2.75 23.79
C ILE A 194 -9.06 3.13 24.82
N THR A 195 -10.28 2.65 24.62
CA THR A 195 -11.37 2.87 25.57
C THR A 195 -11.35 1.79 26.65
N ASN A 196 -11.91 2.10 27.82
CA ASN A 196 -11.97 1.18 28.94
C ASN A 196 -12.58 -0.18 28.56
N GLU A 197 -13.61 -0.12 27.71
CA GLU A 197 -14.30 -1.30 27.20
C GLU A 197 -13.35 -2.16 26.39
N GLU A 198 -12.66 -1.53 25.44
CA GLU A 198 -11.62 -2.18 24.64
C GLU A 198 -10.57 -2.80 25.55
N ALA A 199 -10.15 -2.05 26.56
CA ALA A 199 -9.20 -2.52 27.57
C ALA A 199 -9.76 -3.69 28.36
N GLN A 200 -11.06 -3.66 28.62
CA GLN A 200 -11.73 -4.70 29.38
C GLN A 200 -11.65 -6.03 28.65
N TYR A 201 -11.86 -6.03 27.34
CA TYR A 201 -11.82 -7.30 26.61
C TYR A 201 -10.47 -7.71 26.00
N PHE A 202 -9.46 -6.84 26.08
CA PHE A 202 -8.10 -7.26 25.77
C PHE A 202 -7.58 -8.14 26.88
N MET A 203 -7.74 -7.67 28.11
CA MET A 203 -7.28 -8.38 29.32
C MET A 203 -7.98 -9.72 29.50
N SER A 204 -9.29 -9.70 29.33
CA SER A 204 -10.14 -10.87 29.52
C SER A 204 -9.72 -12.02 28.60
N ASP A 205 -9.35 -11.66 27.38
CA ASP A 205 -8.93 -12.60 26.35
C ASP A 205 -7.55 -13.21 26.61
N PHE A 206 -6.65 -12.42 27.17
CA PHE A 206 -5.30 -12.87 27.47
C PHE A 206 -5.23 -13.89 28.60
N GLU A 207 -6.26 -13.89 29.44
CA GLU A 207 -6.29 -14.75 30.61
C GLU A 207 -7.19 -15.98 30.45
N LYS A 208 -8.08 -15.92 29.45
CA LYS A 208 -8.93 -17.07 29.13
C LYS A 208 -8.14 -18.09 28.33
N THR A 209 -7.19 -17.58 27.54
CA THR A 209 -6.41 -18.38 26.59
C THR A 209 -5.12 -18.86 27.23
N GLY A 210 -4.78 -18.32 28.40
CA GLY A 210 -3.49 -18.58 29.04
C GLY A 210 -2.36 -18.25 28.09
N ALA A 211 -2.58 -17.24 27.25
CA ALA A 211 -1.57 -16.74 26.32
C ALA A 211 -0.71 -15.69 27.01
N LEU A 212 -1.26 -15.12 28.09
CA LEU A 212 -0.54 -14.15 28.90
C LEU A 212 0.72 -14.80 29.49
N GLU A 213 0.81 -16.12 29.40
CA GLU A 213 1.93 -16.87 29.96
C GLU A 213 3.20 -16.77 29.11
N ARG A 214 3.04 -16.26 27.89
CA ARG A 214 4.14 -16.06 26.95
C ARG A 214 4.12 -14.62 26.43
N ALA A 215 3.43 -13.75 27.15
CA ALA A 215 3.15 -12.40 26.65
C ALA A 215 3.26 -11.31 27.71
N VAL A 216 3.77 -10.16 27.30
CA VAL A 216 3.78 -8.94 28.12
C VAL A 216 2.76 -8.01 27.49
N VAL A 217 2.07 -7.21 28.29
CA VAL A 217 1.00 -6.38 27.76
C VAL A 217 1.00 -4.97 28.37
N PHE A 218 1.15 -3.96 27.52
CA PHE A 218 1.08 -2.58 27.97
C PHE A 218 -0.10 -1.88 27.32
N LEU A 219 -1.04 -1.43 28.14
CA LEU A 219 -2.17 -0.70 27.58
C LEU A 219 -2.32 0.72 28.11
N ASN A 220 -2.01 1.68 27.24
CA ASN A 220 -2.30 3.07 27.47
C ASN A 220 -3.76 3.29 27.14
N LEU A 221 -4.40 4.14 27.94
CA LEU A 221 -5.84 4.37 27.83
C LEU A 221 -6.06 5.73 27.20
N ALA A 222 -7.14 5.88 26.44
CA ALA A 222 -7.40 7.14 25.75
C ALA A 222 -7.50 8.33 26.71
N ASP A 223 -7.53 8.03 28.00
CA ASP A 223 -7.74 9.03 29.06
C ASP A 223 -6.47 9.27 29.89
N ASP A 224 -5.51 8.35 29.77
CA ASP A 224 -4.23 8.47 30.47
C ASP A 224 -3.44 9.67 29.98
N PRO A 225 -2.46 10.14 30.79
CA PRO A 225 -1.62 11.27 30.37
C PRO A 225 -1.11 11.19 28.93
N ALA A 226 -1.06 12.33 28.27
CA ALA A 226 -0.51 12.42 26.92
C ALA A 226 0.87 11.77 26.82
N VAL A 227 1.73 12.02 27.82
CA VAL A 227 3.07 11.43 27.84
C VAL A 227 3.01 9.92 27.91
N GLU A 228 2.09 9.41 28.73
CA GLU A 228 2.00 7.99 29.00
C GLU A 228 1.63 7.19 27.75
N ARG A 229 1.19 7.90 26.71
CA ARG A 229 0.90 7.25 25.44
C ARG A 229 2.14 7.12 24.59
N ILE A 230 2.93 8.18 24.50
CA ILE A 230 4.07 8.16 23.58
C ILE A 230 5.30 7.46 24.16
N VAL A 231 5.27 7.24 25.47
CA VAL A 231 6.24 6.36 26.13
C VAL A 231 5.84 4.90 25.95
N THR A 232 4.56 4.67 25.70
CA THR A 232 4.03 3.31 25.59
C THR A 232 4.83 2.44 24.62
N PRO A 233 4.98 2.88 23.35
CA PRO A 233 5.67 2.01 22.38
C PRO A 233 7.09 1.71 22.81
N ARG A 234 7.74 2.69 23.43
CA ARG A 234 9.15 2.61 23.76
C ARG A 234 9.40 1.67 24.94
N MET A 235 8.39 1.55 25.82
CA MET A 235 8.45 0.57 26.90
C MET A 235 8.33 -0.83 26.32
N ALA A 236 7.37 -1.02 25.42
CA ALA A 236 7.14 -2.30 24.77
C ALA A 236 8.37 -2.81 24.02
N LEU A 237 8.96 -1.95 23.18
CA LEU A 237 10.10 -2.30 22.34
C LEU A 237 11.37 -2.63 23.13
N THR A 238 11.64 -1.84 24.17
CA THR A 238 12.79 -2.07 25.02
C THR A 238 12.59 -3.38 25.77
N ALA A 239 11.37 -3.60 26.23
CA ALA A 239 11.01 -4.83 26.89
C ALA A 239 11.23 -5.97 25.94
N ALA A 240 10.85 -5.75 24.68
CA ALA A 240 11.06 -6.72 23.62
C ALA A 240 12.55 -6.99 23.43
N GLU A 241 13.33 -5.91 23.36
CA GLU A 241 14.75 -6.02 23.09
C GLU A 241 15.46 -6.77 24.21
N TYR A 242 15.15 -6.40 25.44
CA TYR A 242 15.67 -7.10 26.62
C TYR A 242 15.36 -8.59 26.53
N LEU A 243 14.19 -8.92 26.01
CA LEU A 243 13.81 -10.30 25.88
C LEU A 243 14.54 -10.97 24.71
N ALA A 244 14.54 -10.33 23.54
CA ALA A 244 15.16 -10.91 22.35
C ALA A 244 16.65 -11.14 22.54
N TYR A 245 17.39 -10.05 22.75
CA TYR A 245 18.76 -10.09 23.24
C TYR A 245 18.63 -10.42 24.71
N GLU A 246 19.73 -10.84 25.35
CA GLU A 246 19.71 -11.12 26.79
C GLU A 246 18.98 -12.43 27.15
N HIS A 247 18.13 -12.91 26.25
CA HIS A 247 17.33 -14.10 26.51
C HIS A 247 17.12 -14.97 25.28
N GLY A 248 17.62 -14.49 24.15
CA GLY A 248 17.69 -15.28 22.92
C GLY A 248 16.37 -15.81 22.40
N MET A 249 15.29 -15.07 22.66
CA MET A 249 13.96 -15.47 22.19
C MET A 249 13.46 -14.64 21.00
N HIS A 250 12.71 -15.26 20.10
CA HIS A 250 12.11 -14.54 18.99
C HIS A 250 10.85 -13.84 19.48
N VAL A 251 10.95 -12.54 19.69
CA VAL A 251 9.85 -11.77 20.25
C VAL A 251 9.10 -11.08 19.13
N LEU A 252 7.78 -11.07 19.26
CA LEU A 252 6.91 -10.37 18.33
C LEU A 252 6.24 -9.22 19.06
N VAL A 253 6.31 -8.03 18.47
CA VAL A 253 5.70 -6.85 19.08
C VAL A 253 4.58 -6.30 18.23
N ILE A 254 3.36 -6.38 18.77
CA ILE A 254 2.18 -5.76 18.15
C ILE A 254 1.99 -4.38 18.77
N LEU A 255 1.78 -3.39 17.92
CA LEU A 255 1.64 -2.01 18.37
C LEU A 255 0.34 -1.42 17.82
N THR A 256 -0.66 -1.31 18.68
CA THR A 256 -2.00 -0.92 18.25
C THR A 256 -2.57 0.31 18.98
N ASP A 257 -2.78 1.42 18.28
CA ASP A 257 -2.38 1.61 16.90
C ASP A 257 -1.60 2.92 16.79
N ILE A 258 -0.88 3.08 15.68
CA ILE A 258 0.04 4.21 15.52
C ILE A 258 -0.62 5.58 15.33
N THR A 259 -1.72 5.64 14.61
CA THR A 259 -2.38 6.94 14.35
C THR A 259 -2.83 7.66 15.61
N ASN A 260 -3.07 6.89 16.68
CA ASN A 260 -3.40 7.48 17.97
C ASN A 260 -2.16 8.05 18.63
N TYR A 261 -1.06 7.29 18.56
CA TYR A 261 0.27 7.79 18.93
C TYR A 261 0.46 9.12 18.22
N ALA A 262 0.33 9.09 16.89
CA ALA A 262 0.40 10.30 16.07
C ALA A 262 -0.57 11.35 16.63
N GLU A 263 -1.85 11.04 16.62
CA GLU A 263 -2.89 11.96 17.10
C GLU A 263 -2.85 12.14 18.62
N ALA A 264 -1.69 12.53 19.11
CA ALA A 264 -1.42 12.87 20.52
C ALA A 264 -0.03 13.47 20.57
N LEU A 265 0.87 12.92 19.78
CA LEU A 265 2.21 13.47 19.59
C LEU A 265 2.11 14.89 19.06
N ARG A 266 1.02 15.20 18.38
CA ARG A 266 0.87 16.52 17.78
C ARG A 266 0.35 17.57 18.77
N GLN A 267 -0.49 17.14 19.72
CA GLN A 267 -1.12 18.08 20.67
C GLN A 267 -0.30 18.30 21.94
N MET A 268 0.65 17.41 22.20
CA MET A 268 1.68 17.69 23.20
C MET A 268 3.04 17.75 22.51
N GLY A 269 4.05 18.25 23.21
CA GLY A 269 5.40 18.36 22.65
C GLY A 269 5.79 19.78 22.31
N TYR A 281 6.58 23.73 13.99
CA TYR A 281 7.95 24.04 14.41
C TYR A 281 8.57 22.92 15.27
N PRO A 282 9.28 21.97 14.61
CA PRO A 282 9.44 21.88 13.15
C PRO A 282 8.27 21.16 12.46
N GLY A 283 8.41 20.88 11.17
CA GLY A 283 7.51 19.99 10.45
C GLY A 283 7.70 18.60 11.04
N TYR A 284 8.95 18.31 11.42
CA TYR A 284 9.35 17.09 12.12
C TYR A 284 8.29 16.52 13.08
N MET A 285 7.80 15.34 12.74
CA MET A 285 7.04 14.48 13.63
C MET A 285 7.50 13.07 13.28
N TYR A 286 7.93 12.93 12.03
CA TYR A 286 8.79 11.84 11.57
C TYR A 286 10.09 12.01 12.34
N THR A 287 11.09 11.20 12.02
CA THR A 287 12.32 11.08 12.83
C THR A 287 11.92 10.40 14.13
N ASP A 288 11.15 11.09 14.96
CA ASP A 288 10.53 10.51 16.14
C ASP A 288 9.76 9.27 15.75
N LEU A 289 9.08 9.34 14.61
CA LEU A 289 8.38 8.19 14.07
C LEU A 289 9.41 7.14 13.64
N ALA A 290 10.51 7.64 13.06
CA ALA A 290 11.62 6.79 12.63
C ALA A 290 12.28 6.10 13.82
N THR A 291 12.20 6.74 14.99
CA THR A 291 12.77 6.17 16.22
C THR A 291 12.02 4.89 16.56
N LEU A 292 10.79 4.81 16.07
CA LEU A 292 9.98 3.62 16.29
C LEU A 292 10.32 2.55 15.26
N TYR A 293 10.32 2.90 13.97
CA TYR A 293 10.46 1.87 12.95
C TYR A 293 11.88 1.37 12.72
N GLU A 294 12.86 2.03 13.33
CA GLU A 294 14.22 1.51 13.29
C GLU A 294 14.35 0.33 14.22
N ARG A 295 13.58 0.37 15.30
CA ARG A 295 13.69 -0.59 16.40
C ARG A 295 13.19 -1.97 16.01
N ALA A 296 13.71 -2.49 14.91
CA ALA A 296 13.34 -3.83 14.45
C ALA A 296 14.55 -4.60 13.99
N GLY A 297 14.38 -5.90 13.83
CA GLY A 297 15.42 -6.73 13.25
C GLY A 297 15.91 -7.83 14.16
N ILE A 298 16.68 -8.74 13.58
CA ILE A 298 17.26 -9.86 14.32
C ILE A 298 18.45 -9.37 15.14
N VAL A 299 18.61 -9.92 16.34
CA VAL A 299 19.61 -9.43 17.29
C VAL A 299 21.00 -10.04 17.10
N LYS A 300 22.00 -9.39 17.69
CA LYS A 300 23.37 -9.91 17.74
C LYS A 300 23.37 -11.24 18.49
N GLY A 301 24.04 -12.24 17.91
CA GLY A 301 24.01 -13.60 18.44
C GLY A 301 23.12 -14.51 17.63
N ALA A 302 22.17 -13.90 16.90
CA ALA A 302 21.26 -14.61 16.00
C ALA A 302 20.35 -15.67 16.66
N LYS A 303 20.15 -15.55 17.98
CA LYS A 303 19.25 -16.45 18.70
C LYS A 303 17.86 -15.85 18.87
N GLY A 304 17.80 -14.54 19.00
CA GLY A 304 16.54 -13.82 19.14
C GLY A 304 16.18 -12.96 17.94
N SER A 305 14.97 -12.40 17.98
CA SER A 305 14.52 -11.50 16.92
C SER A 305 13.56 -10.48 17.50
N VAL A 306 13.55 -9.29 16.91
CA VAL A 306 12.51 -8.32 17.20
C VAL A 306 11.70 -8.11 15.93
N THR A 307 10.58 -8.82 15.84
CA THR A 307 9.62 -8.63 14.76
C THR A 307 8.53 -7.71 15.24
N GLN A 308 8.15 -6.79 14.37
CA GLN A 308 7.27 -5.69 14.74
C GLN A 308 6.10 -5.59 13.77
N ILE A 309 4.91 -5.94 14.24
CA ILE A 309 3.69 -5.77 13.46
C ILE A 309 2.87 -4.65 14.07
N PRO A 310 3.12 -3.42 13.63
CA PRO A 310 2.31 -2.30 14.06
C PRO A 310 1.05 -2.21 13.23
N ILE A 311 0.10 -1.39 13.67
CA ILE A 311 -1.14 -1.16 12.93
C ILE A 311 -1.43 0.33 12.82
N LEU A 312 -1.75 0.79 11.61
CA LEU A 312 -2.03 2.20 11.37
C LEU A 312 -3.37 2.41 10.66
N SER A 313 -4.14 3.38 11.14
CA SER A 313 -5.53 3.54 10.71
C SER A 313 -5.77 4.81 9.89
N MET A 314 -6.63 4.69 8.89
CA MET A 314 -7.11 5.84 8.13
C MET A 314 -8.28 6.44 8.90
N PRO A 315 -8.13 7.70 9.35
CA PRO A 315 -9.06 8.31 10.31
C PRO A 315 -10.46 8.54 9.74
N GLY A 316 -11.46 8.34 10.59
CA GLY A 316 -12.86 8.46 10.18
C GLY A 316 -13.58 9.64 10.80
N ASP A 317 -14.86 9.79 10.43
CA ASP A 317 -15.68 10.95 10.80
C ASP A 317 -15.78 11.23 12.30
N ASP A 318 -14.78 11.94 12.83
CA ASP A 318 -14.70 12.29 14.25
C ASP A 318 -13.63 13.35 14.54
N ILE A 319 -12.44 13.20 13.93
CA ILE A 319 -11.30 14.07 14.24
C ILE A 319 -10.97 15.14 13.19
N THR A 320 -9.95 15.95 13.49
CA THR A 320 -9.61 17.17 12.73
C THR A 320 -8.73 16.95 11.51
N HIS A 321 -7.47 16.56 11.75
CA HIS A 321 -6.46 16.36 10.71
C HIS A 321 -6.83 15.34 9.62
N PRO A 322 -7.50 14.21 10.00
CA PRO A 322 -7.54 12.95 9.29
C PRO A 322 -6.75 12.79 7.98
N ILE A 323 -5.43 12.88 8.10
CA ILE A 323 -4.50 12.29 7.14
C ILE A 323 -3.81 11.14 7.92
N PRO A 324 -2.57 11.31 8.44
CA PRO A 324 -1.45 12.21 8.20
C PRO A 324 -0.45 11.50 7.26
N ASP A 325 0.84 11.53 7.61
CA ASP A 325 1.85 10.86 6.80
C ASP A 325 2.69 9.90 7.62
N LEU A 326 2.27 8.65 7.68
CA LEU A 326 3.03 7.62 8.38
C LEU A 326 3.62 6.69 7.33
N SER A 327 3.99 7.27 6.20
CA SER A 327 4.44 6.53 5.02
C SER A 327 5.75 5.79 5.27
N GLY A 328 6.62 6.40 6.05
CA GLY A 328 7.94 5.83 6.36
C GLY A 328 7.91 4.50 7.11
N TYR A 329 6.73 4.10 7.58
CA TYR A 329 6.60 2.84 8.31
C TYR A 329 6.41 1.64 7.38
N ILE A 330 6.18 1.93 6.09
CA ILE A 330 5.93 0.89 5.08
C ILE A 330 7.14 0.75 4.15
N THR A 331 8.02 -0.19 4.49
CA THR A 331 9.26 -0.38 3.74
C THR A 331 9.69 -1.85 3.65
N GLU A 332 8.90 -2.73 4.26
CA GLU A 332 9.16 -4.16 4.16
C GLU A 332 7.87 -4.93 3.82
N GLY A 333 6.83 -4.19 3.49
CA GLY A 333 5.54 -4.76 3.12
C GLY A 333 4.35 -4.12 3.81
N GLN A 334 3.17 -4.65 3.56
CA GLN A 334 1.95 -4.21 4.21
C GLN A 334 0.93 -5.34 4.14
N ILE A 335 -0.08 -5.30 5.00
CA ILE A 335 -1.22 -6.24 4.90
C ILE A 335 -2.56 -5.51 5.08
N VAL A 336 -3.22 -5.24 3.95
CA VAL A 336 -4.34 -4.29 3.88
C VAL A 336 -5.68 -4.92 4.29
N VAL A 337 -6.41 -4.23 5.18
CA VAL A 337 -7.73 -4.66 5.59
C VAL A 337 -8.81 -3.96 4.74
N ALA A 338 -9.47 -4.76 3.90
CA ALA A 338 -10.39 -4.24 2.92
C ALA A 338 -11.78 -4.05 3.51
N ARG A 339 -12.31 -2.82 3.35
CA ARG A 339 -13.66 -2.47 3.79
C ARG A 339 -14.70 -3.26 3.01
N GLU A 340 -14.47 -3.39 1.70
CA GLU A 340 -15.35 -4.12 0.81
C GLU A 340 -15.60 -5.53 1.35
N LEU A 341 -14.53 -6.22 1.70
CA LEU A 341 -14.61 -7.60 2.17
C LEU A 341 -15.34 -7.71 3.50
N HIS A 342 -15.15 -6.70 4.36
CA HIS A 342 -15.82 -6.60 5.65
C HIS A 342 -17.34 -6.52 5.48
N ARG A 343 -17.81 -5.62 4.63
CA ARG A 343 -19.25 -5.49 4.39
C ARG A 343 -19.80 -6.50 3.41
N LYS A 344 -18.99 -7.51 3.09
CA LYS A 344 -19.46 -8.73 2.45
C LYS A 344 -19.62 -9.76 3.57
N GLY A 345 -19.32 -9.32 4.79
CA GLY A 345 -19.48 -10.15 5.98
C GLY A 345 -18.39 -11.19 6.13
N ILE A 346 -17.15 -10.80 5.86
CA ILE A 346 -16.02 -11.73 5.94
C ILE A 346 -15.00 -11.27 6.98
N TYR A 347 -14.53 -12.20 7.81
CA TYR A 347 -13.41 -11.96 8.73
C TYR A 347 -12.33 -12.99 8.43
N PRO A 348 -11.04 -12.58 8.41
CA PRO A 348 -10.27 -11.34 8.58
C PRO A 348 -10.97 -9.96 8.50
N PRO A 349 -11.16 -9.37 7.30
CA PRO A 349 -10.84 -9.68 5.94
C PRO A 349 -9.69 -8.80 5.42
N ILE A 350 -8.58 -9.43 5.06
CA ILE A 350 -7.53 -8.68 4.41
C ILE A 350 -7.51 -8.97 2.93
N ASN A 351 -7.44 -7.92 2.14
CA ASN A 351 -7.26 -8.02 0.69
C ASN A 351 -5.82 -8.45 0.43
N VAL A 352 -5.61 -9.41 -0.47
CA VAL A 352 -4.24 -9.89 -0.73
C VAL A 352 -3.54 -9.22 -1.91
N LEU A 353 -4.33 -8.66 -2.84
CA LEU A 353 -3.77 -7.94 -3.99
C LEU A 353 -2.92 -6.71 -3.60
N PRO A 354 -3.45 -5.83 -2.73
CA PRO A 354 -2.59 -4.81 -2.13
C PRO A 354 -1.65 -5.33 -1.03
N SER A 355 -1.98 -6.46 -0.43
CA SER A 355 -1.08 -7.13 0.55
C SER A 355 0.31 -7.36 -0.03
N LEU A 356 1.33 -7.23 0.82
CA LEU A 356 2.72 -7.39 0.40
C LEU A 356 3.64 -7.79 1.56
N SER A 357 4.59 -8.67 1.26
CA SER A 357 5.62 -9.00 2.24
C SER A 357 6.97 -9.12 1.55
N ARG A 358 7.63 -7.97 1.41
CA ARG A 358 8.90 -7.83 0.69
C ARG A 358 9.93 -8.90 1.01
N LEU A 359 9.85 -9.49 2.19
CA LEU A 359 10.81 -10.49 2.59
C LEU A 359 10.16 -11.86 2.78
N MET A 360 9.13 -12.14 1.98
CA MET A 360 8.45 -13.43 2.01
C MET A 360 9.39 -14.57 1.60
N ASN A 361 10.13 -14.35 0.52
CA ASN A 361 11.06 -15.35 0.00
C ASN A 361 12.03 -15.92 1.04
N SER A 362 12.38 -15.10 2.03
CA SER A 362 13.34 -15.50 3.06
C SER A 362 12.77 -16.48 4.08
N GLY A 363 11.44 -16.47 4.25
CA GLY A 363 10.78 -17.30 5.27
C GLY A 363 10.16 -18.61 4.78
N ILE A 364 9.80 -18.66 3.51
CA ILE A 364 9.11 -19.81 2.90
C ILE A 364 10.04 -20.98 2.60
N GLY A 365 9.59 -21.90 1.75
CA GLY A 365 10.44 -22.94 1.20
C GLY A 365 10.69 -24.15 2.08
N ALA A 366 11.46 -25.10 1.56
CA ALA A 366 11.69 -26.40 2.19
C ALA A 366 12.43 -26.32 3.52
N GLY A 367 11.99 -27.12 4.48
CA GLY A 367 12.56 -27.12 5.85
C GLY A 367 11.99 -26.03 6.75
N LYS A 368 11.84 -24.84 6.18
CA LYS A 368 11.28 -23.68 6.88
C LYS A 368 9.75 -23.78 6.93
N THR A 369 9.14 -24.09 5.80
CA THR A 369 7.71 -24.41 5.71
C THR A 369 7.51 -25.68 4.89
N ARG A 370 7.45 -25.52 3.57
CA ARG A 370 7.36 -26.64 2.63
C ARG A 370 7.77 -26.18 1.22
N GLU A 371 8.17 -27.14 0.37
CA GLU A 371 8.65 -26.84 -0.97
C GLU A 371 7.64 -26.01 -1.74
N ASP A 372 6.39 -26.47 -1.73
CA ASP A 372 5.35 -26.00 -2.64
C ASP A 372 4.74 -24.65 -2.26
N HIS A 373 5.24 -24.07 -1.17
CA HIS A 373 4.66 -22.87 -0.58
C HIS A 373 4.59 -21.70 -1.56
N LYS A 374 5.70 -21.36 -2.20
CA LYS A 374 5.69 -20.24 -3.14
C LYS A 374 4.86 -20.57 -4.36
N ALA A 375 5.01 -21.79 -4.89
CA ALA A 375 4.21 -22.24 -6.02
C ALA A 375 2.72 -21.94 -5.81
N VAL A 376 2.18 -22.44 -4.69
CA VAL A 376 0.76 -22.27 -4.34
C VAL A 376 0.40 -20.79 -4.15
N SER A 377 1.22 -20.07 -3.40
CA SER A 377 1.06 -18.62 -3.21
C SER A 377 0.97 -17.86 -4.52
N ASP A 378 1.85 -18.20 -5.47
CA ASP A 378 1.88 -17.52 -6.76
C ASP A 378 0.64 -17.82 -7.60
N GLN A 379 0.09 -19.02 -7.44
CA GLN A 379 -1.01 -19.49 -8.27
C GLN A 379 -2.37 -19.03 -7.72
N MET A 380 -2.47 -19.00 -6.39
CA MET A 380 -3.63 -18.40 -5.75
C MET A 380 -3.70 -16.92 -6.11
N TYR A 381 -2.61 -16.19 -5.87
CA TYR A 381 -2.55 -14.76 -6.15
C TYR A 381 -2.95 -14.43 -7.60
N ALA A 382 -2.38 -15.16 -8.55
CA ALA A 382 -2.69 -14.97 -9.95
C ALA A 382 -4.13 -15.33 -10.20
N GLY A 383 -4.57 -16.42 -9.57
CA GLY A 383 -5.92 -16.93 -9.76
C GLY A 383 -6.96 -15.98 -9.21
N TYR A 384 -6.64 -15.39 -8.06
CA TYR A 384 -7.52 -14.43 -7.41
C TYR A 384 -7.51 -13.08 -8.12
N ALA A 385 -6.32 -12.61 -8.49
CA ALA A 385 -6.17 -11.38 -9.27
C ALA A 385 -7.07 -11.38 -10.51
N GLU A 386 -7.06 -12.52 -11.21
CA GLU A 386 -7.88 -12.70 -12.38
C GLU A 386 -9.35 -12.62 -12.02
N GLY A 387 -9.76 -13.51 -11.10
CA GLY A 387 -11.15 -13.63 -10.67
C GLY A 387 -11.81 -12.29 -10.43
N ARG A 388 -11.06 -11.37 -9.83
CA ARG A 388 -11.59 -10.06 -9.52
C ARG A 388 -11.78 -9.15 -10.75
N ASP A 389 -10.89 -9.28 -11.75
CA ASP A 389 -11.08 -8.60 -13.02
C ASP A 389 -12.37 -9.06 -13.67
N LEU A 390 -12.52 -10.38 -13.77
CA LEU A 390 -13.66 -10.98 -14.45
C LEU A 390 -14.98 -10.55 -13.84
N ARG A 391 -14.96 -10.25 -12.55
CA ARG A 391 -16.13 -9.68 -11.88
C ARG A 391 -16.58 -8.40 -12.58
N GLY A 392 -15.60 -7.60 -13.02
CA GLY A 392 -15.88 -6.45 -13.88
C GLY A 392 -16.40 -6.88 -15.24
N LEU A 393 -15.78 -7.89 -15.84
CA LEU A 393 -16.24 -8.43 -17.12
C LEU A 393 -17.68 -8.96 -17.00
N VAL A 394 -17.92 -9.84 -16.03
CA VAL A 394 -19.24 -10.44 -15.74
C VAL A 394 -20.36 -9.43 -15.53
N ALA A 395 -20.00 -8.22 -15.07
CA ALA A 395 -20.97 -7.16 -14.90
C ALA A 395 -21.33 -6.54 -16.25
N ILE A 396 -20.31 -6.09 -16.98
CA ILE A 396 -20.48 -5.46 -18.29
C ILE A 396 -21.25 -6.32 -19.29
N VAL A 397 -20.97 -7.62 -19.25
CA VAL A 397 -21.40 -8.56 -20.27
C VAL A 397 -22.51 -9.53 -19.81
N GLY A 398 -22.31 -10.17 -18.68
CA GLY A 398 -23.29 -11.14 -18.16
C GLY A 398 -22.66 -12.50 -18.02
N LYS A 399 -22.95 -13.18 -16.91
CA LYS A 399 -22.30 -14.45 -16.59
C LYS A 399 -22.54 -15.54 -17.63
N GLU A 400 -23.72 -15.51 -18.24
CA GLU A 400 -24.04 -16.40 -19.35
C GLU A 400 -23.11 -16.20 -20.55
N ALA A 401 -22.46 -15.04 -20.61
CA ALA A 401 -21.72 -14.62 -21.80
C ALA A 401 -20.19 -14.62 -21.69
N LEU A 402 -19.65 -15.10 -20.56
CA LEU A 402 -18.20 -15.28 -20.47
C LEU A 402 -17.72 -16.73 -20.51
N SER A 403 -16.49 -16.91 -21.00
CA SER A 403 -15.86 -18.21 -21.20
C SER A 403 -15.89 -19.16 -20.00
N GLU A 404 -15.92 -20.46 -20.32
CA GLU A 404 -15.92 -21.53 -19.32
C GLU A 404 -14.67 -21.51 -18.44
N ARG A 405 -13.56 -21.04 -19.00
CA ARG A 405 -12.30 -20.85 -18.28
C ARG A 405 -12.45 -19.69 -17.31
N ASP A 406 -13.04 -18.61 -17.79
CA ASP A 406 -13.27 -17.42 -16.97
C ASP A 406 -14.29 -17.67 -15.88
N THR A 407 -15.25 -18.56 -16.13
CA THR A 407 -16.26 -18.91 -15.13
C THR A 407 -15.61 -19.52 -13.91
N LYS A 408 -14.73 -20.50 -14.13
CA LYS A 408 -14.11 -21.21 -13.03
C LYS A 408 -12.95 -20.42 -12.42
N PHE A 409 -12.68 -19.24 -12.96
CA PHE A 409 -11.79 -18.29 -12.32
C PHE A 409 -12.59 -17.25 -11.54
N LEU A 410 -13.78 -16.93 -12.04
CA LEU A 410 -14.69 -16.04 -11.34
C LEU A 410 -15.11 -16.72 -10.02
N GLU A 411 -15.47 -18.00 -10.11
CA GLU A 411 -15.92 -18.79 -8.98
C GLU A 411 -14.80 -19.07 -7.99
N PHE A 412 -13.56 -19.13 -8.49
CA PHE A 412 -12.38 -19.28 -7.63
C PHE A 412 -12.26 -18.12 -6.65
N ALA A 413 -12.45 -16.90 -7.14
CA ALA A 413 -12.45 -15.69 -6.30
C ALA A 413 -13.45 -15.80 -5.16
N ASP A 414 -14.64 -16.33 -5.45
CA ASP A 414 -15.67 -16.60 -4.44
C ASP A 414 -15.18 -17.65 -3.46
N LEU A 415 -14.58 -18.72 -3.98
CA LEU A 415 -14.01 -19.76 -3.14
C LEU A 415 -12.87 -19.21 -2.30
N PHE A 416 -12.00 -18.42 -2.93
CA PHE A 416 -10.86 -17.82 -2.24
C PHE A 416 -11.32 -17.03 -1.03
N GLU A 417 -12.30 -16.16 -1.23
CA GLU A 417 -12.81 -15.32 -0.16
C GLU A 417 -13.58 -16.16 0.83
N ASP A 418 -14.22 -17.21 0.33
CA ASP A 418 -15.13 -18.01 1.12
C ASP A 418 -14.45 -19.11 1.94
N LYS A 419 -13.25 -19.52 1.53
CA LYS A 419 -12.61 -20.68 2.15
C LYS A 419 -11.14 -20.47 2.50
N PHE A 420 -10.51 -19.48 1.87
CA PHE A 420 -9.15 -19.11 2.24
C PHE A 420 -9.13 -17.88 3.16
N VAL A 421 -9.57 -16.74 2.63
CA VAL A 421 -9.67 -15.52 3.44
C VAL A 421 -10.48 -15.82 4.69
N ARG A 422 -11.77 -16.10 4.52
CA ARG A 422 -12.67 -16.42 5.62
C ARG A 422 -11.99 -17.29 6.65
N GLN A 423 -12.04 -16.85 7.90
CA GLN A 423 -11.48 -17.58 9.02
C GLN A 423 -12.24 -17.37 10.32
N GLY A 424 -12.30 -18.43 11.13
CA GLY A 424 -12.77 -18.33 12.51
C GLY A 424 -11.82 -17.55 13.37
N TRP A 425 -12.34 -16.94 14.43
CA TRP A 425 -11.50 -16.12 15.31
C TRP A 425 -10.69 -16.95 16.30
N ASN A 426 -11.08 -18.20 16.53
CA ASN A 426 -10.25 -19.10 17.33
C ASN A 426 -9.64 -20.23 16.50
N GLU A 427 -9.43 -19.93 15.22
CA GLU A 427 -8.86 -20.87 14.26
C GLU A 427 -7.36 -20.73 14.12
N ASN A 428 -6.61 -21.70 14.64
CA ASN A 428 -5.17 -21.75 14.41
C ASN A 428 -4.82 -22.69 13.26
N ARG A 429 -4.43 -22.10 12.13
CA ARG A 429 -4.09 -22.88 10.92
C ARG A 429 -2.58 -23.06 10.77
N THR A 430 -2.11 -24.29 10.95
CA THR A 430 -0.73 -24.62 10.62
C THR A 430 -0.61 -24.47 9.11
N ILE A 431 0.59 -24.14 8.62
CA ILE A 431 0.79 -23.98 7.18
C ILE A 431 0.29 -25.19 6.42
N GLU A 432 0.41 -26.36 7.05
CA GLU A 432 -0.11 -27.59 6.45
C GLU A 432 -1.59 -27.38 6.16
N ASP A 433 -2.34 -26.87 7.12
CA ASP A 433 -3.77 -26.59 6.94
C ASP A 433 -4.00 -25.47 5.91
N THR A 434 -3.12 -24.46 5.93
CA THR A 434 -3.18 -23.33 5.00
C THR A 434 -3.00 -23.80 3.55
N LEU A 435 -1.90 -24.49 3.29
CA LEU A 435 -1.61 -25.02 1.96
C LEU A 435 -2.59 -26.12 1.55
N GLU A 436 -3.01 -26.93 2.53
CA GLU A 436 -3.95 -28.02 2.30
C GLU A 436 -5.23 -27.49 1.67
N ILE A 437 -5.82 -26.45 2.27
CA ILE A 437 -7.07 -25.87 1.76
C ILE A 437 -6.80 -24.95 0.58
N GLY A 438 -5.58 -24.39 0.53
CA GLY A 438 -5.10 -23.65 -0.62
C GLY A 438 -5.13 -24.56 -1.83
N TRP A 439 -4.72 -25.81 -1.64
CA TRP A 439 -4.76 -26.84 -2.69
C TRP A 439 -6.20 -27.28 -3.03
N GLN A 440 -7.11 -27.14 -2.09
CA GLN A 440 -8.51 -27.44 -2.35
C GLN A 440 -9.09 -26.50 -3.38
N ILE A 441 -9.14 -25.21 -3.06
CA ILE A 441 -9.71 -24.21 -3.96
C ILE A 441 -9.03 -24.18 -5.32
N LEU A 442 -7.83 -24.77 -5.40
CA LEU A 442 -7.10 -24.89 -6.64
C LEU A 442 -7.66 -25.97 -7.58
N THR A 443 -8.24 -27.03 -7.02
CA THR A 443 -8.79 -28.12 -7.86
C THR A 443 -9.95 -27.67 -8.74
N HIS A 444 -10.60 -26.57 -8.35
CA HIS A 444 -11.66 -25.95 -9.15
C HIS A 444 -11.08 -25.36 -10.43
N LEU A 445 -9.80 -25.03 -10.39
CA LEU A 445 -9.10 -24.50 -11.56
C LEU A 445 -8.78 -25.56 -12.60
N PRO A 446 -8.80 -25.18 -13.89
CA PRO A 446 -8.51 -26.17 -14.92
C PRO A 446 -7.11 -26.72 -14.74
N GLU A 447 -7.05 -27.88 -14.08
CA GLU A 447 -5.83 -28.63 -13.89
C GLU A 447 -5.13 -28.76 -15.24
N ASN A 448 -5.90 -29.25 -16.22
CA ASN A 448 -5.41 -29.58 -17.55
C ASN A 448 -5.05 -28.38 -18.44
N GLN A 449 -4.71 -27.25 -17.82
CA GLN A 449 -4.14 -26.11 -18.57
C GLN A 449 -3.23 -25.17 -17.78
N LEU A 450 -3.66 -24.69 -16.61
CA LEU A 450 -2.95 -23.59 -15.93
C LEU A 450 -2.00 -24.00 -14.80
N GLY A 451 -0.74 -23.59 -14.94
CA GLY A 451 0.28 -23.92 -13.97
C GLY A 451 1.08 -22.72 -13.45
N ARG A 452 1.98 -22.22 -14.29
CA ARG A 452 3.06 -21.31 -13.86
C ARG A 452 3.87 -21.92 -12.70
N ILE A 453 3.45 -23.11 -12.28
CA ILE A 453 3.99 -23.79 -11.11
C ILE A 453 4.21 -25.29 -11.38
N ASP A 454 3.69 -25.75 -12.51
CA ASP A 454 3.74 -27.14 -12.98
C ASP A 454 4.76 -28.07 -12.31
N ASN A 455 6.05 -27.79 -12.57
CA ASN A 455 7.14 -28.73 -12.32
C ASN A 455 7.16 -29.41 -10.94
N LYS A 456 6.77 -30.68 -10.92
CA LYS A 456 6.90 -31.60 -9.76
C LYS A 456 5.88 -31.42 -8.62
N TYR A 457 5.37 -30.20 -8.44
CA TYR A 457 4.48 -29.90 -7.31
C TYR A 457 3.03 -30.27 -7.61
N ILE A 458 2.66 -30.17 -8.89
CA ILE A 458 1.30 -30.48 -9.36
C ILE A 458 1.03 -31.99 -9.32
N GLN A 459 2.10 -32.77 -9.44
CA GLN A 459 2.01 -34.22 -9.46
C GLN A 459 2.13 -34.84 -8.06
N LYS A 460 2.97 -34.20 -7.22
CA LYS A 460 3.24 -34.68 -5.86
C LYS A 460 2.15 -34.30 -4.87
N TYR A 461 1.62 -33.09 -5.03
CA TYR A 461 0.41 -32.65 -4.33
C TYR A 461 -0.72 -32.66 -5.33
N HIS A 462 -1.91 -32.17 -4.96
CA HIS A 462 -3.09 -32.20 -5.82
C HIS A 462 -3.62 -33.64 -5.93
N PRO A 463 -4.94 -33.84 -5.82
CA PRO A 463 -5.59 -35.15 -5.89
C PRO A 463 -4.90 -36.16 -6.81
N ALA A 464 -4.63 -35.78 -8.06
CA ALA A 464 -3.94 -36.62 -9.04
C ALA A 464 -2.89 -37.51 -8.36
N HIS A 465 -3.08 -38.82 -8.45
CA HIS A 465 -2.24 -39.76 -7.71
C HIS A 465 -1.34 -40.61 -8.62
N ARG A 466 -1.92 -41.28 -9.62
CA ARG A 466 -1.15 -42.11 -10.56
C ARG A 466 -1.27 -41.66 -12.02
N GLN B 19 -31.99 -7.44 -4.29
CA GLN B 19 -31.47 -6.05 -4.47
C GLN B 19 -29.94 -5.98 -4.54
N ILE B 20 -29.29 -7.11 -4.25
CA ILE B 20 -27.82 -7.16 -4.15
C ILE B 20 -27.09 -7.09 -5.50
N ALA B 21 -27.77 -7.45 -6.58
CA ALA B 21 -27.19 -7.52 -7.93
C ALA B 21 -26.33 -6.31 -8.34
N GLY B 22 -25.27 -6.58 -9.12
CA GLY B 22 -24.28 -5.57 -9.50
C GLY B 22 -24.68 -4.55 -10.56
N PRO B 23 -24.33 -4.83 -11.85
CA PRO B 23 -24.15 -3.98 -13.04
C PRO B 23 -24.76 -2.56 -13.06
N LEU B 24 -24.35 -1.77 -14.06
CA LEU B 24 -24.75 -0.37 -14.15
C LEU B 24 -24.45 0.17 -15.55
N ILE B 25 -25.17 -0.37 -16.54
CA ILE B 25 -24.95 -0.07 -17.97
C ILE B 25 -25.60 1.26 -18.38
N PHE B 26 -24.95 1.94 -19.32
CA PHE B 26 -25.39 3.26 -19.79
C PHE B 26 -26.05 3.21 -21.17
N VAL B 27 -27.35 3.44 -21.18
CA VAL B 27 -28.15 3.55 -22.39
C VAL B 27 -28.20 5.02 -22.78
N GLU B 28 -28.65 5.31 -23.99
CA GLU B 28 -28.80 6.69 -24.44
C GLU B 28 -30.27 7.04 -24.69
N LYS B 29 -30.74 8.12 -24.05
CA LYS B 29 -32.16 8.45 -24.09
C LYS B 29 -32.66 8.70 -25.52
N THR B 30 -33.32 7.69 -26.07
CA THR B 30 -33.99 7.77 -27.39
C THR B 30 -35.48 8.04 -27.18
N GLU B 31 -36.05 7.41 -26.16
CA GLU B 31 -37.44 7.61 -25.76
C GLU B 31 -37.46 8.08 -24.32
N PRO B 32 -38.36 9.02 -23.97
CA PRO B 32 -38.47 9.46 -22.58
C PRO B 32 -38.79 8.30 -21.67
N VAL B 33 -38.03 8.17 -20.58
CA VAL B 33 -38.14 7.03 -19.66
C VAL B 33 -38.48 7.44 -18.22
N GLY B 34 -38.71 6.45 -17.36
CA GLY B 34 -39.08 6.72 -15.96
C GLY B 34 -38.40 5.82 -14.93
N TYR B 35 -38.25 6.34 -13.72
CA TYR B 35 -37.58 5.63 -12.63
C TYR B 35 -38.00 4.17 -12.53
N ASN B 36 -37.00 3.30 -12.44
CA ASN B 36 -37.15 1.85 -12.46
C ASN B 36 -38.24 1.26 -13.37
N GLU B 37 -38.20 1.64 -14.64
CA GLU B 37 -38.98 0.96 -15.69
C GLU B 37 -38.09 -0.10 -16.31
N ILE B 38 -38.63 -1.26 -16.63
CA ILE B 38 -37.83 -2.31 -17.30
C ILE B 38 -37.46 -1.89 -18.73
N VAL B 39 -36.23 -2.20 -19.15
CA VAL B 39 -35.76 -1.77 -20.48
C VAL B 39 -35.33 -2.88 -21.43
N ASN B 40 -34.68 -3.93 -20.92
CA ASN B 40 -34.42 -5.14 -21.71
C ASN B 40 -33.89 -4.80 -23.11
N ILE B 41 -32.65 -4.33 -23.20
CA ILE B 41 -32.19 -3.79 -24.49
C ILE B 41 -30.69 -3.74 -24.87
N LYS B 42 -30.42 -4.33 -26.04
CA LYS B 42 -29.23 -4.15 -26.90
C LYS B 42 -27.97 -5.05 -26.77
N MET B 43 -26.91 -4.53 -26.16
CA MET B 43 -25.55 -5.10 -26.29
C MET B 43 -25.01 -4.98 -27.71
N GLY B 44 -23.73 -4.64 -27.83
CA GLY B 44 -23.11 -4.42 -29.13
C GLY B 44 -22.84 -5.68 -29.94
N ASP B 45 -23.89 -6.49 -30.12
CA ASP B 45 -23.83 -7.69 -30.97
C ASP B 45 -25.22 -8.12 -31.45
N GLY B 46 -26.27 -7.66 -30.75
CA GLY B 46 -27.65 -7.90 -31.18
C GLY B 46 -28.50 -8.77 -30.26
N THR B 47 -27.85 -9.45 -29.33
CA THR B 47 -28.53 -10.26 -28.32
C THR B 47 -28.48 -9.55 -26.99
N VAL B 48 -29.64 -9.46 -26.34
CA VAL B 48 -29.73 -8.82 -25.02
C VAL B 48 -30.67 -9.55 -24.07
N ARG B 49 -30.55 -9.18 -22.79
CA ARG B 49 -31.48 -9.60 -21.75
C ARG B 49 -31.44 -8.53 -20.66
N ARG B 50 -32.29 -8.70 -19.64
CA ARG B 50 -32.27 -7.91 -18.39
C ARG B 50 -32.59 -6.42 -18.61
N GLY B 51 -33.13 -5.77 -17.56
CA GLY B 51 -33.51 -4.36 -17.64
C GLY B 51 -33.56 -3.57 -16.33
N GLN B 52 -34.47 -2.60 -16.28
CA GLN B 52 -34.76 -1.74 -15.11
C GLN B 52 -33.92 -0.49 -14.88
N VAL B 53 -34.48 0.67 -15.22
CA VAL B 53 -33.85 2.00 -15.06
C VAL B 53 -33.46 2.27 -13.60
N LEU B 54 -32.43 3.09 -13.39
CA LEU B 54 -32.04 3.52 -12.05
C LEU B 54 -32.00 5.04 -11.92
N ASP B 55 -31.47 5.70 -12.94
CA ASP B 55 -31.33 7.16 -12.93
C ASP B 55 -31.03 7.61 -14.35
N SER B 56 -31.21 8.90 -14.63
CA SER B 56 -30.97 9.42 -15.96
C SER B 56 -30.70 10.90 -15.98
N SER B 57 -30.45 11.42 -17.19
CA SER B 57 -30.35 12.86 -17.42
C SER B 57 -30.87 13.19 -18.82
N ALA B 58 -30.80 14.47 -19.18
CA ALA B 58 -31.34 14.97 -20.45
C ALA B 58 -30.93 14.17 -21.69
N ASP B 59 -29.76 13.54 -21.65
CA ASP B 59 -29.27 12.79 -22.81
C ASP B 59 -28.96 11.31 -22.59
N ILE B 60 -28.69 10.89 -21.35
CA ILE B 60 -28.29 9.51 -21.10
C ILE B 60 -28.85 8.84 -19.83
N VAL B 61 -28.99 7.52 -19.92
CA VAL B 61 -29.75 6.70 -18.99
C VAL B 61 -28.85 5.67 -18.31
N VAL B 62 -28.80 5.68 -16.99
CA VAL B 62 -28.08 4.65 -16.27
C VAL B 62 -29.06 3.52 -15.96
N VAL B 63 -28.69 2.28 -16.25
CA VAL B 63 -29.65 1.20 -16.07
C VAL B 63 -29.48 0.40 -14.78
N GLN B 64 -28.47 -0.47 -14.73
CA GLN B 64 -28.26 -1.42 -13.63
C GLN B 64 -29.16 -2.64 -13.85
N VAL B 65 -28.61 -3.83 -13.60
CA VAL B 65 -29.34 -5.05 -13.92
C VAL B 65 -29.12 -6.25 -12.97
N PHE B 66 -29.66 -7.40 -13.35
CA PHE B 66 -29.76 -8.59 -12.50
C PHE B 66 -29.63 -9.86 -13.33
N GLU B 67 -29.10 -10.91 -12.69
CA GLU B 67 -29.07 -12.26 -13.27
C GLU B 67 -28.98 -13.33 -12.18
N PHE B 80 -37.08 -0.79 -23.40
CA PHE B 80 -37.85 -0.17 -24.45
C PHE B 80 -37.41 1.29 -24.64
N THR B 81 -36.32 1.57 -25.38
CA THR B 81 -35.47 0.59 -26.09
C THR B 81 -34.83 1.24 -27.33
N GLY B 82 -33.52 1.41 -27.32
CA GLY B 82 -32.68 1.19 -26.14
C GLY B 82 -31.23 0.87 -26.45
N GLU B 83 -30.64 1.66 -27.35
CA GLU B 83 -29.27 1.42 -27.76
C GLU B 83 -28.34 1.81 -26.63
N THR B 84 -27.31 1.00 -26.42
CA THR B 84 -26.24 1.36 -25.49
C THR B 84 -25.56 2.64 -25.97
N LEU B 85 -25.15 3.47 -25.02
CA LEU B 85 -24.44 4.70 -25.33
C LEU B 85 -23.12 4.36 -25.99
N LYS B 86 -22.88 5.01 -27.12
CA LYS B 86 -21.73 4.75 -27.94
C LYS B 86 -20.88 5.99 -28.06
N LEU B 87 -19.58 5.80 -28.22
CA LEU B 87 -18.65 6.91 -28.41
C LEU B 87 -18.32 7.09 -29.88
N PRO B 88 -18.34 8.36 -30.35
CA PRO B 88 -17.93 8.69 -31.71
C PRO B 88 -16.44 8.38 -31.93
N ALA B 89 -16.16 7.24 -32.58
CA ALA B 89 -14.78 6.74 -32.71
C ALA B 89 -14.13 7.19 -34.01
N SER B 90 -12.98 7.83 -33.86
CA SER B 90 -12.27 8.46 -34.97
C SER B 90 -10.86 8.78 -34.55
N VAL B 91 -9.93 8.68 -35.50
CA VAL B 91 -8.54 9.01 -35.20
C VAL B 91 -8.42 10.52 -34.98
N ASP B 92 -9.40 11.26 -35.50
CA ASP B 92 -9.44 12.71 -35.39
C ASP B 92 -9.77 13.15 -33.97
N LEU B 93 -10.02 12.19 -33.09
CA LEU B 93 -10.23 12.45 -31.65
C LEU B 93 -9.01 13.15 -31.06
N LEU B 94 -7.83 12.71 -31.51
CA LEU B 94 -6.56 13.25 -31.04
C LEU B 94 -6.46 14.72 -31.41
N GLY B 95 -6.27 15.56 -30.41
CA GLY B 95 -6.22 17.00 -30.61
C GLY B 95 -7.46 17.69 -30.09
N ARG B 96 -8.55 16.94 -29.99
CA ARG B 96 -9.81 17.46 -29.43
C ARG B 96 -9.85 17.34 -27.90
N ILE B 97 -10.69 18.17 -27.28
CA ILE B 97 -10.90 18.14 -25.83
C ILE B 97 -12.38 17.94 -25.56
N LEU B 98 -12.72 16.91 -24.79
CA LEU B 98 -14.11 16.48 -24.68
C LEU B 98 -14.72 16.55 -23.29
N SER B 99 -16.03 16.32 -23.22
CA SER B 99 -16.75 16.18 -21.96
C SER B 99 -16.79 14.71 -21.55
N GLY B 100 -17.47 14.42 -20.43
CA GLY B 100 -17.72 13.05 -20.00
C GLY B 100 -18.56 12.34 -21.03
N SER B 101 -19.41 13.11 -21.71
CA SER B 101 -20.25 12.62 -22.79
C SER B 101 -19.60 12.82 -24.16
N GLY B 102 -18.42 13.45 -24.19
CA GLY B 102 -17.67 13.59 -25.43
C GLY B 102 -18.13 14.74 -26.29
N GLU B 103 -18.66 15.78 -25.66
CA GLU B 103 -19.10 16.96 -26.39
C GLU B 103 -17.92 17.90 -26.58
N PRO B 104 -17.68 18.31 -27.85
CA PRO B 104 -16.62 19.25 -28.21
C PRO B 104 -16.48 20.38 -27.19
N ARG B 105 -15.50 20.23 -26.31
CA ARG B 105 -15.20 21.23 -25.28
C ARG B 105 -14.09 22.19 -25.75
N ASP B 106 -13.33 21.77 -26.75
CA ASP B 106 -12.20 22.54 -27.27
C ASP B 106 -12.63 23.72 -28.15
N GLY B 107 -13.93 23.83 -28.38
CA GLY B 107 -14.50 24.93 -29.14
C GLY B 107 -14.77 24.60 -30.58
N GLY B 108 -13.98 23.68 -31.15
CA GLY B 108 -14.00 23.36 -32.58
C GLY B 108 -15.31 22.77 -33.09
N PRO B 109 -15.27 22.12 -34.26
CA PRO B 109 -16.48 21.51 -34.82
C PRO B 109 -16.90 20.26 -34.06
N ARG B 110 -17.86 19.53 -34.64
CA ARG B 110 -18.38 18.30 -34.06
C ARG B 110 -17.34 17.19 -34.03
N ILE B 111 -17.79 15.95 -33.86
CA ILE B 111 -16.90 14.80 -33.84
C ILE B 111 -17.33 13.76 -34.89
N VAL B 112 -16.83 13.93 -36.12
CA VAL B 112 -17.17 13.05 -37.24
C VAL B 112 -16.54 11.66 -37.06
N PRO B 113 -17.38 10.65 -36.78
CA PRO B 113 -16.91 9.34 -36.37
C PRO B 113 -16.66 8.36 -37.53
N ASP B 114 -15.48 7.73 -37.52
CA ASP B 114 -15.19 6.64 -38.44
C ASP B 114 -15.98 5.40 -37.99
N GLN B 115 -15.78 5.01 -36.74
CA GLN B 115 -16.56 3.96 -36.11
C GLN B 115 -17.39 4.55 -34.96
N LEU B 116 -18.24 3.74 -34.34
CA LEU B 116 -19.16 4.23 -33.30
C LEU B 116 -19.49 3.09 -32.32
N LEU B 117 -18.73 3.01 -31.24
CA LEU B 117 -18.76 1.82 -30.39
C LEU B 117 -19.26 2.03 -28.97
N ASP B 118 -19.90 0.98 -28.46
CA ASP B 118 -20.40 0.86 -27.09
C ASP B 118 -19.33 1.25 -26.08
N ILE B 119 -19.66 2.17 -25.18
CA ILE B 119 -18.71 2.56 -24.15
C ILE B 119 -18.70 1.62 -22.96
N ASN B 120 -19.87 1.27 -22.45
CA ASN B 120 -19.99 0.60 -21.16
C ASN B 120 -19.40 -0.81 -21.16
N GLY B 121 -18.10 -0.87 -20.91
CA GLY B 121 -17.33 -2.10 -21.03
C GLY B 121 -17.44 -2.68 -22.42
N ALA B 122 -17.75 -1.81 -23.38
CA ALA B 122 -17.86 -2.18 -24.79
C ALA B 122 -18.61 -3.50 -25.06
N ALA B 123 -18.41 -4.00 -26.28
CA ALA B 123 -18.80 -5.33 -26.69
C ALA B 123 -17.68 -5.78 -27.62
N MET B 124 -16.47 -5.29 -27.31
CA MET B 124 -15.28 -5.54 -28.11
C MET B 124 -14.34 -6.50 -27.39
N ASN B 125 -14.19 -6.31 -26.07
CA ASN B 125 -13.19 -7.06 -25.28
C ASN B 125 -11.89 -7.34 -26.04
N PRO B 126 -11.19 -6.27 -26.45
CA PRO B 126 -10.01 -6.44 -27.28
C PRO B 126 -8.78 -6.87 -26.48
N TYR B 127 -8.98 -7.49 -25.31
CA TYR B 127 -7.87 -7.79 -24.42
C TYR B 127 -7.38 -9.22 -24.50
N ALA B 128 -6.14 -9.37 -24.97
CA ALA B 128 -5.49 -10.67 -25.12
C ALA B 128 -5.05 -11.24 -23.77
N ARG B 129 -5.20 -12.56 -23.62
CA ARG B 129 -4.71 -13.24 -22.41
C ARG B 129 -3.19 -13.35 -22.43
N LEU B 130 -2.54 -12.22 -22.18
CA LEU B 130 -1.09 -12.11 -22.06
C LEU B 130 -0.72 -11.30 -20.81
N PRO B 131 0.52 -11.43 -20.32
CA PRO B 131 0.90 -10.55 -19.22
C PRO B 131 1.31 -9.18 -19.77
N PRO B 132 1.28 -8.14 -18.93
CA PRO B 132 1.87 -6.89 -19.39
C PRO B 132 3.37 -7.09 -19.60
N LYS B 133 3.97 -6.24 -20.44
CA LYS B 133 5.36 -6.40 -20.83
C LYS B 133 5.95 -5.10 -21.31
N ASP B 134 7.26 -4.95 -21.16
CA ASP B 134 8.07 -3.88 -21.77
C ASP B 134 7.80 -2.48 -21.23
N PHE B 135 8.87 -1.77 -20.91
CA PHE B 135 8.83 -0.55 -20.08
C PHE B 135 8.23 0.72 -20.72
N ILE B 136 7.63 1.57 -19.88
CA ILE B 136 7.18 2.90 -20.28
C ILE B 136 7.99 3.97 -19.58
N GLN B 137 8.50 4.92 -20.37
CA GLN B 137 9.32 6.00 -19.85
C GLN B 137 8.45 7.19 -19.45
N THR B 138 8.12 7.26 -18.16
CA THR B 138 7.37 8.40 -17.66
C THR B 138 8.25 9.64 -17.71
N GLY B 139 9.54 9.43 -17.62
CA GLY B 139 10.51 10.51 -17.63
C GLY B 139 10.81 10.99 -16.24
N ILE B 140 10.03 10.51 -15.26
CA ILE B 140 10.32 10.82 -13.86
C ILE B 140 10.88 9.58 -13.13
N SER B 141 11.99 9.80 -12.46
CA SER B 141 12.88 8.73 -12.02
C SER B 141 12.40 7.92 -10.80
N THR B 142 11.49 8.48 -10.02
CA THR B 142 11.00 7.80 -8.82
C THR B 142 9.96 6.74 -9.17
N ILE B 143 9.66 6.63 -10.46
CA ILE B 143 8.81 5.55 -10.97
C ILE B 143 9.52 4.74 -12.06
N ASP B 144 10.11 5.44 -13.04
CA ASP B 144 10.88 4.79 -14.10
C ASP B 144 12.00 3.90 -13.56
N GLY B 145 12.68 4.38 -12.53
CA GLY B 145 13.92 3.74 -12.08
C GLY B 145 13.82 2.82 -10.88
N THR B 146 12.72 2.92 -10.14
CA THR B 146 12.59 2.24 -8.84
C THR B 146 11.36 1.34 -8.75
N ASN B 147 10.35 1.63 -9.58
CA ASN B 147 9.14 0.83 -9.67
C ASN B 147 8.47 1.13 -11.00
N THR B 148 9.07 0.59 -12.04
CA THR B 148 8.82 0.99 -13.42
C THR B 148 7.44 0.62 -13.95
N LEU B 149 6.74 1.63 -14.49
CA LEU B 149 5.46 1.45 -15.16
C LEU B 149 5.63 0.69 -16.48
N VAL B 150 4.87 -0.39 -16.62
CA VAL B 150 5.05 -1.34 -17.71
C VAL B 150 3.79 -1.41 -18.59
N ARG B 151 3.99 -1.41 -19.91
CA ARG B 151 2.88 -1.45 -20.87
C ARG B 151 1.75 -2.38 -20.42
N GLY B 152 0.56 -1.81 -20.25
CA GLY B 152 -0.62 -2.58 -19.88
C GLY B 152 -0.74 -2.85 -18.39
N GLN B 153 -0.12 -1.99 -17.59
CA GLN B 153 -0.21 -2.10 -16.14
C GLN B 153 -1.37 -1.26 -15.65
N LYS B 154 -1.70 -1.41 -14.37
CA LYS B 154 -2.51 -0.45 -13.63
C LYS B 154 -1.67 -0.05 -12.43
N LEU B 155 -1.17 1.17 -12.43
CA LEU B 155 -0.31 1.64 -11.35
C LEU B 155 -0.80 2.96 -10.78
N PRO B 156 -1.72 2.89 -9.80
CA PRO B 156 -2.42 4.06 -9.31
C PRO B 156 -1.52 4.99 -8.49
N ILE B 157 -1.78 6.29 -8.62
CA ILE B 157 -1.05 7.31 -7.87
C ILE B 157 -1.73 7.55 -6.51
N PHE B 158 -1.28 6.80 -5.51
CA PHE B 158 -1.87 6.84 -4.16
C PHE B 158 -1.51 8.15 -3.46
N SER B 159 -2.50 9.02 -3.29
CA SER B 159 -2.25 10.37 -2.80
C SER B 159 -3.23 10.84 -1.72
N ALA B 160 -3.34 12.16 -1.55
CA ALA B 160 -4.23 12.80 -0.58
C ALA B 160 -4.43 14.30 -0.88
N SER B 161 -5.50 14.88 -0.33
CA SER B 161 -5.83 16.29 -0.54
C SER B 161 -4.66 17.19 -0.20
N GLY B 162 -4.46 18.23 -1.01
CA GLY B 162 -3.35 19.16 -0.80
C GLY B 162 -2.12 18.83 -1.62
N LEU B 163 -1.80 17.53 -1.71
CA LEU B 163 -0.63 17.04 -2.44
C LEU B 163 -0.73 17.30 -3.95
N PRO B 164 0.43 17.48 -4.64
CA PRO B 164 0.44 17.86 -6.06
C PRO B 164 0.29 16.70 -7.05
N HIS B 165 -0.55 15.71 -6.72
CA HIS B 165 -0.74 14.53 -7.56
C HIS B 165 -1.29 14.81 -8.95
N ASN B 166 -2.06 15.88 -9.10
CA ASN B 166 -2.54 16.29 -10.43
C ASN B 166 -1.39 16.88 -11.23
N GLU B 167 -0.59 17.69 -10.54
CA GLU B 167 0.60 18.30 -11.10
C GLU B 167 1.60 17.21 -11.54
N ILE B 168 1.78 16.20 -10.69
CA ILE B 168 2.71 15.09 -10.98
C ILE B 168 2.14 14.13 -12.02
N ALA B 169 0.84 14.26 -12.29
CA ALA B 169 0.18 13.45 -13.30
C ALA B 169 0.29 14.07 -14.69
N LEU B 170 -0.15 15.31 -14.84
CA LEU B 170 -0.12 15.97 -16.14
C LEU B 170 1.30 16.41 -16.56
N GLN B 171 2.29 16.14 -15.70
CA GLN B 171 3.68 16.15 -16.14
C GLN B 171 3.97 14.89 -16.93
N ILE B 172 3.56 13.74 -16.41
CA ILE B 172 3.87 12.47 -17.07
C ILE B 172 2.94 12.24 -18.26
N ALA B 173 2.05 13.20 -18.49
CA ALA B 173 1.13 13.16 -19.61
C ALA B 173 1.80 13.71 -20.86
N ARG B 174 2.80 14.56 -20.65
CA ARG B 174 3.52 15.22 -21.74
C ARG B 174 4.97 14.77 -21.83
N GLN B 175 5.33 13.81 -20.97
CA GLN B 175 6.69 13.30 -20.91
C GLN B 175 6.78 11.87 -21.42
N ALA B 176 5.75 11.09 -21.13
CA ALA B 176 5.79 9.65 -21.33
C ALA B 176 5.99 9.24 -22.78
N SER B 177 6.59 8.08 -22.95
CA SER B 177 6.74 7.45 -24.25
C SER B 177 7.14 5.99 -24.10
N VAL B 178 6.92 5.25 -25.18
CA VAL B 178 7.43 3.91 -25.33
C VAL B 178 8.63 4.01 -26.30
N PRO B 179 9.85 3.83 -25.77
CA PRO B 179 11.09 3.91 -26.56
C PRO B 179 11.32 2.65 -27.37
N GLY B 180 11.83 2.83 -28.59
CA GLY B 180 12.10 1.72 -29.51
C GLY B 180 10.90 0.90 -29.97
N SER B 181 9.74 1.15 -29.38
CA SER B 181 8.53 0.41 -29.72
C SER B 181 8.03 0.73 -31.12
N GLU B 182 7.89 -0.30 -31.95
CA GLU B 182 7.42 -0.15 -33.33
C GLU B 182 6.01 0.46 -33.43
N SER B 183 5.22 0.29 -32.38
CA SER B 183 3.89 0.88 -32.29
C SER B 183 3.95 2.30 -31.71
N ALA B 184 3.22 3.23 -32.32
CA ALA B 184 3.21 4.63 -31.86
C ALA B 184 2.61 4.74 -30.46
N PHE B 185 2.59 5.95 -29.91
CA PHE B 185 2.11 6.16 -28.54
C PHE B 185 1.02 7.24 -28.50
N ALA B 186 0.14 7.13 -27.50
CA ALA B 186 -1.03 8.00 -27.33
C ALA B 186 -1.43 8.12 -25.86
N VAL B 187 -2.04 9.23 -25.50
CA VAL B 187 -2.53 9.41 -24.13
C VAL B 187 -4.02 9.75 -24.10
N VAL B 188 -4.68 9.34 -23.01
CA VAL B 188 -6.02 9.74 -22.72
C VAL B 188 -6.01 10.28 -21.30
N PHE B 189 -6.01 11.61 -21.17
CA PHE B 189 -6.17 12.27 -19.90
C PHE B 189 -7.66 12.41 -19.67
N ALA B 190 -8.08 12.09 -18.44
CA ALA B 190 -9.50 12.14 -18.06
C ALA B 190 -9.67 12.73 -16.67
N ALA B 191 -10.58 13.70 -16.57
CA ALA B 191 -10.85 14.36 -15.31
C ALA B 191 -12.29 14.10 -14.94
N MET B 192 -12.52 13.79 -13.67
CA MET B 192 -13.85 13.55 -13.16
C MET B 192 -14.23 14.63 -12.15
N GLY B 193 -15.29 15.38 -12.48
CA GLY B 193 -15.78 16.45 -11.64
C GLY B 193 -14.69 17.29 -10.99
N ILE B 194 -13.94 18.03 -11.82
CA ILE B 194 -12.98 19.03 -11.33
C ILE B 194 -13.60 20.44 -11.23
N THR B 195 -12.91 21.33 -10.53
CA THR B 195 -13.33 22.73 -10.44
C THR B 195 -13.21 23.37 -11.82
N ASN B 196 -14.15 24.27 -12.13
CA ASN B 196 -14.18 24.92 -13.43
C ASN B 196 -13.02 25.88 -13.65
N GLU B 197 -12.27 26.17 -12.58
CA GLU B 197 -11.09 26.99 -12.74
C GLU B 197 -9.87 26.12 -13.10
N GLU B 198 -9.60 25.08 -12.30
CA GLU B 198 -8.52 24.14 -12.64
C GLU B 198 -8.83 23.40 -13.95
N ALA B 199 -9.98 23.72 -14.54
CA ALA B 199 -10.33 23.26 -15.88
C ALA B 199 -9.35 23.86 -16.89
N GLN B 200 -9.47 25.15 -17.15
CA GLN B 200 -8.62 25.80 -18.16
C GLN B 200 -7.15 25.90 -17.72
N TYR B 201 -6.84 25.29 -16.58
CA TYR B 201 -5.45 25.05 -16.23
C TYR B 201 -4.92 23.83 -17.01
N PHE B 202 -5.54 22.66 -16.82
CA PHE B 202 -5.16 21.45 -17.58
C PHE B 202 -5.29 21.68 -19.08
N MET B 203 -6.29 22.48 -19.46
CA MET B 203 -6.58 22.82 -20.85
C MET B 203 -5.54 23.79 -21.44
N SER B 204 -4.52 24.13 -20.65
CA SER B 204 -3.47 25.02 -21.11
C SER B 204 -2.09 24.38 -21.01
N ASP B 205 -1.85 23.60 -19.96
CA ASP B 205 -0.63 22.81 -19.81
C ASP B 205 -0.41 21.85 -20.98
N PHE B 206 -1.50 21.38 -21.57
CA PHE B 206 -1.45 20.79 -22.90
C PHE B 206 -1.15 21.92 -23.89
N GLU B 207 -1.85 21.99 -25.01
CA GLU B 207 -1.65 23.03 -26.06
C GLU B 207 -0.28 23.74 -26.12
N LYS B 208 0.12 24.40 -25.02
CA LYS B 208 1.45 25.01 -24.87
C LYS B 208 2.60 24.04 -25.14
N THR B 209 2.58 22.89 -24.46
CA THR B 209 3.63 21.88 -24.59
C THR B 209 3.54 21.10 -25.90
N GLY B 210 2.34 21.08 -26.49
CA GLY B 210 2.06 20.27 -27.68
C GLY B 210 1.74 18.83 -27.29
N ALA B 211 1.48 18.63 -25.99
CA ALA B 211 1.14 17.32 -25.44
C ALA B 211 -0.26 16.89 -25.84
N LEU B 212 -1.08 17.87 -26.24
CA LEU B 212 -2.45 17.64 -26.65
C LEU B 212 -2.52 16.83 -27.95
N GLU B 213 -1.72 17.25 -28.94
CA GLU B 213 -1.75 16.64 -30.26
C GLU B 213 -1.09 15.26 -30.23
N ARG B 214 -1.59 14.43 -29.32
CA ARG B 214 -1.08 13.09 -29.03
C ARG B 214 -2.02 12.45 -28.02
N ALA B 215 -2.86 13.29 -27.42
CA ALA B 215 -3.75 12.89 -26.36
C ALA B 215 -5.20 13.28 -26.65
N VAL B 216 -6.13 12.44 -26.22
CA VAL B 216 -7.54 12.86 -26.16
C VAL B 216 -7.85 13.21 -24.73
N VAL B 217 -8.55 14.32 -24.53
CA VAL B 217 -8.87 14.76 -23.18
C VAL B 217 -10.34 14.58 -22.89
N PHE B 218 -10.65 14.04 -21.71
CA PHE B 218 -12.02 13.93 -21.26
C PHE B 218 -12.22 14.72 -19.97
N LEU B 219 -12.84 15.89 -20.12
CA LEU B 219 -12.98 16.86 -19.03
C LEU B 219 -14.37 16.89 -18.44
N ASN B 220 -14.46 16.58 -17.16
CA ASN B 220 -15.71 16.62 -16.46
C ASN B 220 -15.62 17.64 -15.33
N LEU B 221 -16.65 18.46 -15.21
CA LEU B 221 -16.70 19.48 -14.18
C LEU B 221 -17.67 19.10 -13.07
N ALA B 222 -17.49 19.70 -11.90
CA ALA B 222 -18.38 19.44 -10.77
C ALA B 222 -19.81 19.96 -10.99
N ASP B 223 -19.99 20.81 -12.00
CA ASP B 223 -21.30 21.37 -12.35
C ASP B 223 -21.93 20.70 -13.57
N ASP B 224 -21.17 19.81 -14.21
CA ASP B 224 -21.72 18.96 -15.23
C ASP B 224 -22.69 18.00 -14.57
N PRO B 225 -23.80 17.65 -15.26
CA PRO B 225 -24.72 16.66 -14.73
C PRO B 225 -23.95 15.48 -14.10
N ALA B 226 -24.34 15.10 -12.88
CA ALA B 226 -23.66 14.06 -12.12
C ALA B 226 -23.43 12.75 -12.88
N VAL B 227 -24.39 12.36 -13.71
CA VAL B 227 -24.26 11.17 -14.57
C VAL B 227 -23.03 11.24 -15.49
N GLU B 228 -22.79 12.41 -16.09
CA GLU B 228 -21.62 12.63 -16.96
C GLU B 228 -20.31 12.14 -16.35
N ARG B 229 -20.14 12.37 -15.05
CA ARG B 229 -18.96 11.95 -14.31
C ARG B 229 -18.77 10.43 -14.30
N ILE B 230 -19.88 9.69 -14.25
CA ILE B 230 -19.83 8.24 -14.23
C ILE B 230 -19.55 7.66 -15.63
N VAL B 231 -19.81 8.46 -16.67
CA VAL B 231 -19.53 8.03 -18.05
C VAL B 231 -18.22 8.60 -18.59
N THR B 232 -17.61 9.50 -17.83
CA THR B 232 -16.29 10.03 -18.15
C THR B 232 -15.17 8.98 -18.16
N PRO B 233 -15.16 8.04 -17.18
CA PRO B 233 -14.15 6.99 -17.23
C PRO B 233 -14.36 6.00 -18.37
N ARG B 234 -15.61 5.65 -18.63
CA ARG B 234 -15.92 4.67 -19.66
C ARG B 234 -15.53 5.19 -21.05
N MET B 235 -15.95 6.42 -21.36
CA MET B 235 -15.61 7.08 -22.64
C MET B 235 -14.11 7.27 -22.83
N ALA B 236 -13.40 7.52 -21.73
CA ALA B 236 -11.95 7.56 -21.76
C ALA B 236 -11.42 6.17 -22.09
N LEU B 237 -11.76 5.18 -21.26
CA LEU B 237 -11.35 3.80 -21.46
C LEU B 237 -11.71 3.30 -22.85
N THR B 238 -12.91 3.63 -23.31
CA THR B 238 -13.38 3.24 -24.65
C THR B 238 -12.52 3.85 -25.76
N ALA B 239 -12.14 5.11 -25.58
CA ALA B 239 -11.21 5.77 -26.50
C ALA B 239 -9.90 4.98 -26.58
N ALA B 240 -9.31 4.70 -25.42
CA ALA B 240 -8.06 3.92 -25.34
C ALA B 240 -8.11 2.58 -26.06
N GLU B 241 -9.25 1.89 -25.97
CA GLU B 241 -9.39 0.58 -26.58
C GLU B 241 -9.44 0.62 -28.11
N TYR B 242 -10.14 1.62 -28.66
CA TYR B 242 -10.19 1.84 -30.11
C TYR B 242 -8.80 2.12 -30.66
N LEU B 243 -8.06 3.01 -30.00
CA LEU B 243 -6.74 3.38 -30.46
C LEU B 243 -5.74 2.25 -30.32
N ALA B 244 -5.89 1.44 -29.27
CA ALA B 244 -4.96 0.36 -28.97
C ALA B 244 -5.17 -0.87 -29.85
N TYR B 245 -6.42 -1.15 -30.20
CA TYR B 245 -6.72 -2.34 -31.00
C TYR B 245 -6.86 -2.04 -32.50
N GLU B 246 -7.85 -1.21 -32.84
CA GLU B 246 -8.13 -0.87 -34.22
C GLU B 246 -6.89 -0.30 -34.89
N HIS B 247 -6.29 0.71 -34.28
CA HIS B 247 -4.96 1.14 -34.68
C HIS B 247 -4.03 0.38 -33.74
N GLY B 248 -2.76 0.24 -34.09
CA GLY B 248 -1.84 -0.53 -33.26
C GLY B 248 -1.00 0.37 -32.40
N MET B 249 -1.61 0.96 -31.38
CA MET B 249 -0.94 1.98 -30.56
C MET B 249 -0.76 1.56 -29.12
N HIS B 250 0.14 2.25 -28.42
CA HIS B 250 0.26 2.14 -26.97
C HIS B 250 -0.34 3.38 -26.29
N VAL B 251 -1.48 3.18 -25.63
CA VAL B 251 -2.16 4.28 -24.99
C VAL B 251 -2.01 4.23 -23.47
N LEU B 252 -1.85 5.41 -22.88
CA LEU B 252 -1.80 5.56 -21.45
C LEU B 252 -3.04 6.33 -21.03
N VAL B 253 -3.77 5.81 -20.05
CA VAL B 253 -4.96 6.49 -19.56
C VAL B 253 -4.74 6.94 -18.13
N ILE B 254 -4.64 8.25 -17.95
CA ILE B 254 -4.61 8.80 -16.61
C ILE B 254 -6.02 9.29 -16.26
N LEU B 255 -6.41 9.02 -15.02
CA LEU B 255 -7.75 9.30 -14.53
C LEU B 255 -7.65 10.08 -13.23
N THR B 256 -7.67 11.41 -13.33
CA THR B 256 -7.46 12.22 -12.16
C THR B 256 -8.66 12.25 -11.24
N ASP B 257 -8.35 12.00 -9.96
CA ASP B 257 -9.28 12.02 -8.84
C ASP B 257 -10.41 11.04 -9.07
N ILE B 258 -10.17 9.77 -8.74
CA ILE B 258 -11.23 8.77 -8.83
C ILE B 258 -12.08 8.74 -7.55
N THR B 259 -11.69 9.53 -6.56
CA THR B 259 -12.51 9.73 -5.37
C THR B 259 -13.72 10.61 -5.68
N ASN B 260 -13.62 11.37 -6.77
CA ASN B 260 -14.76 12.11 -7.29
C ASN B 260 -15.75 11.18 -8.00
N TYR B 261 -15.27 10.04 -8.49
CA TYR B 261 -16.12 9.03 -9.10
C TYR B 261 -16.96 8.35 -8.01
N ALA B 262 -16.28 7.82 -7.00
CA ALA B 262 -16.94 7.22 -5.85
C ALA B 262 -17.98 8.15 -5.27
N GLU B 263 -17.63 9.43 -5.19
CA GLU B 263 -18.51 10.48 -4.71
C GLU B 263 -19.75 10.59 -5.59
N ALA B 264 -19.53 10.60 -6.91
CA ALA B 264 -20.60 10.77 -7.87
C ALA B 264 -21.63 9.66 -7.74
N LEU B 265 -21.18 8.40 -7.76
CA LEU B 265 -22.07 7.26 -7.56
C LEU B 265 -22.97 7.64 -6.43
N ARG B 266 -24.28 7.67 -6.70
CA ARG B 266 -25.27 8.09 -5.70
C ARG B 266 -24.73 7.75 -4.33
N GLN B 267 -24.33 6.48 -4.18
CA GLN B 267 -23.26 6.03 -3.26
C GLN B 267 -22.84 4.57 -3.44
N MET B 268 -22.92 3.79 -2.36
CA MET B 268 -22.10 2.58 -2.18
C MET B 268 -22.81 1.27 -2.48
N GLY B 269 -22.11 0.16 -2.23
CA GLY B 269 -22.71 -1.18 -2.26
C GLY B 269 -22.85 -1.79 -3.64
N ALA B 270 -23.99 -2.43 -3.93
CA ALA B 270 -25.18 -2.59 -3.05
C ALA B 270 -25.80 -1.28 -2.53
N MET B 285 -20.94 -0.66 -6.29
CA MET B 285 -19.66 0.02 -6.42
C MET B 285 -18.46 -0.94 -6.50
N TYR B 286 -18.39 -1.86 -5.54
CA TYR B 286 -17.23 -2.71 -5.42
C TYR B 286 -17.04 -3.57 -6.65
N THR B 287 -18.15 -3.98 -7.27
CA THR B 287 -18.07 -4.63 -8.57
C THR B 287 -18.07 -3.57 -9.68
N ASP B 288 -18.74 -2.45 -9.44
CA ASP B 288 -18.82 -1.37 -10.44
C ASP B 288 -17.45 -0.82 -10.81
N LEU B 289 -16.54 -0.79 -9.84
CA LEU B 289 -15.16 -0.39 -10.07
C LEU B 289 -14.37 -1.46 -10.84
N ALA B 290 -14.80 -2.72 -10.71
CA ALA B 290 -14.14 -3.82 -11.41
C ALA B 290 -14.38 -3.74 -12.92
N THR B 291 -15.49 -3.13 -13.32
CA THR B 291 -15.74 -2.83 -14.73
C THR B 291 -14.73 -1.79 -15.23
N LEU B 292 -14.23 -0.95 -14.32
CA LEU B 292 -13.24 0.02 -14.70
C LEU B 292 -11.85 -0.60 -14.76
N TYR B 293 -11.41 -1.22 -13.67
CA TYR B 293 -10.04 -1.74 -13.63
C TYR B 293 -9.79 -3.00 -14.46
N GLU B 294 -10.85 -3.65 -14.93
CA GLU B 294 -10.70 -4.76 -15.87
C GLU B 294 -10.23 -4.23 -17.23
N ARG B 295 -10.65 -3.00 -17.55
CA ARG B 295 -10.37 -2.42 -18.85
C ARG B 295 -8.97 -1.82 -18.96
N ALA B 296 -7.97 -2.68 -18.77
CA ALA B 296 -6.56 -2.36 -19.01
C ALA B 296 -5.86 -3.63 -19.47
N GLY B 297 -4.91 -3.49 -20.39
CA GLY B 297 -4.09 -4.61 -20.81
C GLY B 297 -3.37 -4.44 -22.12
N ILE B 298 -2.84 -5.57 -22.61
CA ILE B 298 -2.24 -5.67 -23.94
C ILE B 298 -3.31 -6.24 -24.87
N VAL B 299 -3.46 -5.64 -26.05
CA VAL B 299 -4.51 -6.07 -26.97
C VAL B 299 -4.14 -7.34 -27.74
N LYS B 300 -5.09 -7.86 -28.52
CA LYS B 300 -4.81 -8.96 -29.42
C LYS B 300 -3.93 -8.49 -30.57
N GLY B 301 -3.01 -9.35 -30.97
CA GLY B 301 -1.97 -9.00 -31.94
C GLY B 301 -0.71 -8.56 -31.24
N ALA B 302 -0.81 -8.38 -29.92
CA ALA B 302 0.29 -7.90 -29.09
C ALA B 302 1.03 -6.72 -29.72
N LYS B 303 0.32 -5.91 -30.49
CA LYS B 303 0.90 -4.78 -31.21
C LYS B 303 0.38 -3.45 -30.69
N GLY B 304 -0.28 -3.49 -29.53
CA GLY B 304 -0.75 -2.31 -28.83
C GLY B 304 -1.14 -2.65 -27.40
N SER B 305 -1.44 -1.64 -26.58
CA SER B 305 -1.84 -1.88 -25.19
C SER B 305 -2.59 -0.73 -24.52
N VAL B 306 -3.39 -1.08 -23.52
CA VAL B 306 -4.10 -0.13 -22.69
C VAL B 306 -3.41 -0.10 -21.32
N THR B 307 -2.82 1.03 -20.97
CA THR B 307 -2.08 1.18 -19.71
C THR B 307 -2.76 2.21 -18.82
N GLN B 308 -2.90 1.87 -17.55
CA GLN B 308 -3.79 2.62 -16.67
C GLN B 308 -3.08 3.19 -15.45
N ILE B 309 -3.22 4.49 -15.26
CA ILE B 309 -2.80 5.15 -14.02
C ILE B 309 -3.86 6.12 -13.50
N PRO B 310 -4.75 5.64 -12.61
CA PRO B 310 -5.71 6.48 -11.91
C PRO B 310 -5.08 7.09 -10.66
N ILE B 311 -5.64 8.19 -10.17
CA ILE B 311 -5.15 8.77 -8.92
C ILE B 311 -6.20 8.64 -7.82
N LEU B 312 -5.80 8.00 -6.72
CA LEU B 312 -6.69 7.69 -5.61
C LEU B 312 -6.29 8.46 -4.37
N SER B 313 -6.94 9.59 -4.11
CA SER B 313 -6.65 10.42 -2.93
C SER B 313 -7.69 10.21 -1.80
N MET B 314 -7.47 10.88 -0.67
CA MET B 314 -8.51 11.08 0.37
C MET B 314 -8.30 12.42 1.08
N PRO B 315 -9.39 13.21 1.20
CA PRO B 315 -9.28 14.64 1.55
C PRO B 315 -8.99 14.92 3.04
N GLY B 316 -9.74 14.27 3.92
CA GLY B 316 -9.58 14.43 5.37
C GLY B 316 -10.60 13.55 6.05
N ASP B 317 -11.81 14.09 6.24
CA ASP B 317 -12.95 13.29 6.63
C ASP B 317 -13.96 13.30 5.48
N ASP B 318 -14.31 12.10 5.01
CA ASP B 318 -15.26 11.93 3.92
C ASP B 318 -16.71 12.15 4.40
N ILE B 319 -17.62 12.32 3.44
CA ILE B 319 -19.05 12.59 3.73
C ILE B 319 -19.78 11.47 4.52
N THR B 320 -20.42 10.53 3.82
CA THR B 320 -21.18 9.45 4.47
C THR B 320 -20.56 8.06 4.18
N HIS B 321 -19.24 8.03 3.98
CA HIS B 321 -18.50 6.77 3.82
C HIS B 321 -17.86 6.33 5.17
N PRO B 322 -16.56 6.66 5.42
CA PRO B 322 -15.52 7.37 4.66
C PRO B 322 -14.92 6.49 3.56
N ILE B 323 -14.62 7.08 2.39
CA ILE B 323 -14.25 6.26 1.23
C ILE B 323 -12.88 5.63 1.41
N PRO B 324 -12.68 4.50 0.73
CA PRO B 324 -13.61 3.47 0.39
C PRO B 324 -12.98 2.10 0.66
N ASP B 325 -13.19 1.19 -0.29
CA ASP B 325 -12.21 0.18 -0.56
C ASP B 325 -11.89 0.29 -2.05
N LEU B 326 -10.93 1.16 -2.36
CA LEU B 326 -10.40 1.26 -3.70
C LEU B 326 -9.28 0.25 -3.90
N SER B 327 -9.10 -0.62 -2.91
CA SER B 327 -8.02 -1.63 -2.92
C SER B 327 -8.19 -2.68 -4.02
N GLY B 328 -9.27 -2.58 -4.78
CA GLY B 328 -9.48 -3.45 -5.93
C GLY B 328 -8.68 -2.99 -7.14
N TYR B 329 -8.10 -1.79 -7.03
CA TYR B 329 -7.34 -1.20 -8.13
C TYR B 329 -5.86 -1.55 -8.03
N ILE B 330 -5.29 -1.36 -6.86
CA ILE B 330 -3.93 -1.82 -6.55
C ILE B 330 -3.92 -3.36 -6.49
N THR B 331 -3.40 -3.95 -7.54
CA THR B 331 -3.28 -5.39 -7.65
C THR B 331 -1.95 -5.66 -8.35
N GLU B 332 -1.38 -4.57 -8.88
CA GLU B 332 -0.13 -4.58 -9.62
C GLU B 332 0.84 -3.59 -9.00
N GLY B 333 0.48 -3.08 -7.83
CA GLY B 333 1.31 -2.12 -7.12
C GLY B 333 0.67 -0.75 -7.08
N GLN B 334 1.43 0.23 -6.60
CA GLN B 334 1.04 1.63 -6.65
C GLN B 334 2.25 2.53 -6.42
N ILE B 335 2.10 3.81 -6.71
CA ILE B 335 3.11 4.82 -6.36
C ILE B 335 2.57 5.68 -5.22
N VAL B 336 3.47 6.13 -4.33
CA VAL B 336 3.05 6.84 -3.11
C VAL B 336 3.53 8.28 -3.08
N VAL B 337 2.60 9.21 -3.27
CA VAL B 337 2.87 10.61 -3.01
C VAL B 337 2.82 10.78 -1.48
N ALA B 338 3.86 11.36 -0.91
CA ALA B 338 3.96 11.53 0.55
C ALA B 338 3.90 12.99 1.00
N ARG B 339 3.37 13.23 2.20
CA ARG B 339 3.35 14.59 2.76
C ARG B 339 4.74 14.94 3.27
N GLU B 340 5.42 13.94 3.81
CA GLU B 340 6.74 14.10 4.41
C GLU B 340 7.73 14.81 3.48
N LEU B 341 7.68 14.45 2.21
CA LEU B 341 8.60 14.98 1.22
C LEU B 341 8.09 16.30 0.68
N HIS B 342 6.78 16.39 0.51
CA HIS B 342 6.14 17.63 0.10
C HIS B 342 6.48 18.74 1.07
N ARG B 343 6.40 18.44 2.36
CA ARG B 343 6.56 19.42 3.44
C ARG B 343 7.94 20.06 3.43
N LYS B 344 8.98 19.26 3.19
CA LYS B 344 10.35 19.79 3.11
C LYS B 344 10.69 20.33 1.70
N GLY B 345 9.65 20.47 0.88
CA GLY B 345 9.69 21.25 -0.35
C GLY B 345 10.38 20.58 -1.53
N ILE B 346 10.14 19.29 -1.72
CA ILE B 346 10.73 18.58 -2.86
C ILE B 346 9.67 18.10 -3.85
N TYR B 347 10.03 18.04 -5.12
CA TYR B 347 9.08 17.63 -6.16
C TYR B 347 9.73 16.63 -7.12
N PRO B 348 8.98 15.60 -7.53
CA PRO B 348 7.66 15.21 -7.00
C PRO B 348 7.82 14.47 -5.68
N PRO B 349 6.92 14.75 -4.71
CA PRO B 349 7.08 14.19 -3.37
C PRO B 349 6.78 12.70 -3.33
N ILE B 350 7.31 11.96 -4.31
CA ILE B 350 7.08 10.52 -4.38
C ILE B 350 7.99 9.78 -3.42
N ASN B 351 7.40 8.86 -2.66
CA ASN B 351 8.14 8.04 -1.71
C ASN B 351 8.33 6.61 -2.21
N VAL B 352 9.55 6.28 -2.59
CA VAL B 352 9.84 4.90 -3.00
C VAL B 352 9.82 3.96 -1.79
N LEU B 353 9.50 2.70 -2.06
CA LEU B 353 9.50 1.59 -1.08
C LEU B 353 8.22 1.43 -0.27
N PRO B 354 7.52 2.53 0.06
CA PRO B 354 6.08 2.26 0.14
C PRO B 354 5.52 2.00 -1.25
N SER B 355 6.10 2.63 -2.28
CA SER B 355 5.65 2.43 -3.66
C SER B 355 6.14 1.10 -4.21
N LEU B 356 5.37 0.54 -5.13
CA LEU B 356 5.61 -0.79 -5.66
C LEU B 356 5.14 -0.92 -7.10
N SER B 357 5.90 -1.69 -7.88
CA SER B 357 5.45 -2.19 -9.17
C SER B 357 5.74 -3.70 -9.23
N ARG B 358 4.69 -4.49 -9.33
CA ARG B 358 4.80 -5.94 -9.28
C ARG B 358 5.37 -6.50 -10.58
N LEU B 359 5.00 -5.87 -11.69
CA LEU B 359 5.34 -6.37 -13.02
C LEU B 359 6.59 -5.69 -13.57
N MET B 360 7.40 -5.13 -12.67
CA MET B 360 8.59 -4.38 -13.03
C MET B 360 9.55 -5.21 -13.87
N ASN B 361 9.77 -6.46 -13.44
CA ASN B 361 10.67 -7.37 -14.14
C ASN B 361 10.27 -7.66 -15.59
N SER B 362 9.00 -7.46 -15.92
CA SER B 362 8.50 -7.70 -17.27
C SER B 362 8.65 -6.46 -18.17
N GLY B 363 9.76 -5.75 -18.01
CA GLY B 363 10.04 -4.56 -18.82
C GLY B 363 11.17 -3.75 -18.21
N ILE B 364 12.38 -4.30 -18.21
CA ILE B 364 13.47 -3.73 -17.42
C ILE B 364 14.89 -4.09 -17.89
N GLY B 365 15.21 -5.38 -17.93
CA GLY B 365 16.59 -5.85 -18.08
C GLY B 365 17.23 -5.62 -19.44
N ALA B 366 17.76 -6.70 -20.01
CA ALA B 366 18.54 -6.67 -21.27
C ALA B 366 17.73 -6.15 -22.45
N GLY B 367 18.28 -5.12 -23.12
CA GLY B 367 17.68 -4.55 -24.33
C GLY B 367 16.26 -4.05 -24.15
N LYS B 368 15.92 -3.65 -22.93
CA LYS B 368 14.67 -2.94 -22.67
C LYS B 368 14.97 -1.57 -22.06
N THR B 369 15.79 -1.56 -21.02
CA THR B 369 16.32 -0.33 -20.43
C THR B 369 17.84 -0.41 -20.31
N ARG B 370 18.32 -1.39 -19.54
CA ARG B 370 19.75 -1.68 -19.35
C ARG B 370 19.90 -2.80 -18.31
N GLU B 371 20.96 -3.61 -18.44
CA GLU B 371 21.14 -4.81 -17.60
C GLU B 371 21.15 -4.50 -16.11
N ASP B 372 21.96 -3.50 -15.73
CA ASP B 372 22.18 -3.15 -14.32
C ASP B 372 20.93 -2.64 -13.58
N HIS B 373 19.87 -2.36 -14.34
CA HIS B 373 18.67 -1.72 -13.82
C HIS B 373 18.20 -2.31 -12.47
N LYS B 374 17.71 -3.54 -12.48
CA LYS B 374 17.21 -4.18 -11.26
C LYS B 374 18.23 -4.16 -10.11
N ALA B 375 19.51 -4.30 -10.48
CA ALA B 375 20.60 -4.33 -9.51
C ALA B 375 20.91 -2.96 -8.91
N VAL B 376 20.67 -1.90 -9.69
CA VAL B 376 20.79 -0.51 -9.20
C VAL B 376 19.59 -0.18 -8.31
N SER B 377 18.43 -0.68 -8.70
CA SER B 377 17.18 -0.49 -7.98
C SER B 377 17.22 -1.10 -6.58
N ASP B 378 17.71 -2.33 -6.47
CA ASP B 378 17.84 -3.04 -5.18
C ASP B 378 18.64 -2.24 -4.16
N GLN B 379 19.75 -1.66 -4.62
CA GLN B 379 20.66 -0.88 -3.77
C GLN B 379 20.05 0.43 -3.29
N MET B 380 19.39 1.14 -4.19
CA MET B 380 18.74 2.37 -3.81
C MET B 380 17.52 2.09 -2.92
N TYR B 381 16.75 1.06 -3.24
CA TYR B 381 15.71 0.57 -2.33
C TYR B 381 16.33 0.42 -0.94
N ALA B 382 17.29 -0.51 -0.85
CA ALA B 382 17.87 -0.91 0.43
C ALA B 382 18.62 0.20 1.13
N GLY B 383 19.37 1.00 0.37
CA GLY B 383 20.17 2.09 0.91
C GLY B 383 19.33 3.21 1.50
N TYR B 384 18.24 3.56 0.82
CA TYR B 384 17.32 4.56 1.33
C TYR B 384 16.54 4.04 2.53
N ALA B 385 16.22 2.74 2.51
CA ALA B 385 15.50 2.09 3.62
C ALA B 385 16.38 2.01 4.86
N GLU B 386 17.60 1.53 4.64
CA GLU B 386 18.57 1.35 5.70
C GLU B 386 19.12 2.71 6.16
N GLY B 387 19.04 3.70 5.29
CA GLY B 387 19.41 5.08 5.61
C GLY B 387 18.29 5.80 6.33
N ARG B 388 17.05 5.57 5.89
CA ARG B 388 15.87 6.14 6.56
C ARG B 388 15.71 5.62 7.98
N ASP B 389 16.30 4.46 8.26
CA ASP B 389 16.31 3.92 9.61
C ASP B 389 17.28 4.68 10.50
N LEU B 390 18.39 5.11 9.91
CA LEU B 390 19.45 5.78 10.67
C LEU B 390 19.13 7.25 10.95
N ARG B 391 18.11 7.78 10.29
CA ARG B 391 17.55 9.07 10.70
C ARG B 391 16.93 8.91 12.07
N GLY B 392 16.53 7.68 12.39
CA GLY B 392 15.95 7.31 13.67
C GLY B 392 16.95 7.44 14.81
N LEU B 393 17.94 6.55 14.85
CA LEU B 393 18.93 6.60 15.94
C LEU B 393 19.96 7.74 15.81
N VAL B 394 19.73 8.64 14.86
CA VAL B 394 20.33 9.97 14.95
C VAL B 394 19.63 10.64 16.12
N ALA B 395 18.30 10.61 16.09
CA ALA B 395 17.48 11.27 17.09
C ALA B 395 17.37 10.48 18.38
N ILE B 396 17.96 9.28 18.44
CA ILE B 396 18.01 8.56 19.73
C ILE B 396 19.38 8.59 20.40
N VAL B 397 20.44 8.85 19.63
CA VAL B 397 21.81 8.88 20.18
C VAL B 397 22.70 10.03 19.68
N GLY B 398 22.07 11.06 19.09
CA GLY B 398 22.82 12.21 18.56
C GLY B 398 23.49 11.87 17.25
N LYS B 399 24.02 12.88 16.56
CA LYS B 399 24.60 12.69 15.21
C LYS B 399 25.91 11.90 15.25
N GLU B 400 26.55 11.91 16.41
CA GLU B 400 27.67 11.01 16.70
C GLU B 400 27.13 9.69 17.23
N ALA B 401 27.97 8.89 17.90
CA ALA B 401 27.64 7.52 18.29
C ALA B 401 27.22 6.73 17.05
N LEU B 402 27.39 7.38 15.89
CA LEU B 402 26.93 6.86 14.62
C LEU B 402 28.16 6.64 13.75
N SER B 403 28.55 5.38 13.62
CA SER B 403 29.73 4.98 12.83
C SER B 403 29.86 5.67 11.45
N GLU B 404 31.11 5.81 10.98
CA GLU B 404 31.40 6.42 9.67
C GLU B 404 30.50 5.85 8.60
N ARG B 405 30.51 4.51 8.47
CA ARG B 405 29.63 3.81 7.55
C ARG B 405 28.22 4.43 7.52
N ASP B 406 27.61 4.51 8.70
CA ASP B 406 26.23 4.93 8.84
C ASP B 406 26.02 6.38 8.45
N THR B 407 27.07 7.18 8.56
CA THR B 407 26.99 8.60 8.18
C THR B 407 26.89 8.72 6.67
N LYS B 408 27.46 7.76 5.95
CA LYS B 408 27.35 7.70 4.49
C LYS B 408 25.93 7.34 4.06
N PHE B 409 25.33 6.35 4.73
CA PHE B 409 23.94 5.96 4.50
C PHE B 409 22.98 7.08 4.87
N LEU B 410 23.15 7.61 6.08
CA LEU B 410 22.42 8.77 6.56
C LEU B 410 22.43 9.87 5.49
N GLU B 411 23.63 10.18 5.00
CA GLU B 411 23.81 11.14 3.94
C GLU B 411 23.22 10.67 2.61
N PHE B 412 23.42 9.40 2.27
CA PHE B 412 22.86 8.87 1.02
C PHE B 412 21.37 9.19 0.92
N ALA B 413 20.65 9.03 2.03
CA ALA B 413 19.22 9.32 2.10
C ALA B 413 18.95 10.79 1.77
N ASP B 414 19.84 11.68 2.22
CA ASP B 414 19.77 13.09 1.88
C ASP B 414 20.03 13.31 0.39
N LEU B 415 21.10 12.69 -0.11
CA LEU B 415 21.45 12.75 -1.53
C LEU B 415 20.37 12.13 -2.40
N PHE B 416 19.76 11.05 -1.90
CA PHE B 416 18.71 10.36 -2.61
C PHE B 416 17.53 11.30 -2.84
N GLU B 417 17.00 11.89 -1.78
CA GLU B 417 15.87 12.80 -1.96
C GLU B 417 16.26 14.13 -2.62
N ASP B 418 17.52 14.53 -2.52
CA ASP B 418 17.99 15.75 -3.16
C ASP B 418 18.16 15.55 -4.67
N LYS B 419 19.06 14.64 -5.05
CA LYS B 419 19.32 14.39 -6.46
C LYS B 419 18.25 13.51 -7.10
N PHE B 420 18.10 12.27 -6.60
CA PHE B 420 17.25 11.26 -7.25
C PHE B 420 15.75 11.55 -7.25
N VAL B 421 15.20 11.94 -6.11
CA VAL B 421 13.74 12.19 -6.02
C VAL B 421 13.36 13.55 -6.60
N ARG B 422 14.08 14.59 -6.18
CA ARG B 422 13.87 15.95 -6.67
C ARG B 422 14.08 15.99 -8.18
N GLN B 423 13.19 16.72 -8.85
CA GLN B 423 13.13 16.76 -10.29
C GLN B 423 12.23 17.95 -10.67
N GLY B 424 12.60 18.65 -11.73
CA GLY B 424 11.82 19.81 -12.18
C GLY B 424 10.45 19.43 -12.70
N TRP B 425 9.54 20.41 -12.75
CA TRP B 425 8.22 20.23 -13.37
C TRP B 425 8.40 19.60 -14.75
N ASN B 426 9.61 19.73 -15.30
CA ASN B 426 9.96 19.12 -16.55
C ASN B 426 11.01 17.99 -16.42
N GLU B 427 12.29 18.34 -16.46
CA GLU B 427 13.35 17.39 -16.79
C GLU B 427 12.84 15.95 -16.98
N ASN B 428 12.65 15.63 -18.25
CA ASN B 428 12.20 14.35 -18.74
C ASN B 428 13.34 13.32 -18.70
N ARG B 429 13.79 13.00 -17.49
CA ARG B 429 14.87 12.03 -17.29
C ARG B 429 14.56 10.71 -17.97
N THR B 430 15.36 10.37 -18.98
CA THR B 430 15.29 9.06 -19.61
C THR B 430 15.79 8.01 -18.62
N ILE B 431 15.56 6.74 -18.92
CA ILE B 431 15.99 5.67 -18.03
C ILE B 431 17.50 5.73 -17.88
N GLU B 432 18.18 6.29 -18.88
CA GLU B 432 19.64 6.40 -18.83
C GLU B 432 20.12 7.58 -18.00
N ASP B 433 19.38 8.69 -18.05
CA ASP B 433 19.63 9.81 -17.14
C ASP B 433 19.38 9.34 -15.72
N THR B 434 18.27 8.62 -15.56
CA THR B 434 17.86 8.07 -14.27
C THR B 434 18.87 7.09 -13.67
N LEU B 435 19.21 6.04 -14.41
CA LEU B 435 20.11 5.00 -13.90
C LEU B 435 21.49 5.52 -13.53
N GLU B 436 21.96 6.52 -14.28
CA GLU B 436 23.30 7.05 -14.05
C GLU B 436 23.31 8.04 -12.88
N ILE B 437 22.25 8.82 -12.75
CA ILE B 437 22.00 9.61 -11.54
C ILE B 437 22.14 8.69 -10.33
N GLY B 438 21.66 7.45 -10.50
CA GLY B 438 21.75 6.41 -9.47
C GLY B 438 23.18 6.11 -9.07
N TRP B 439 24.02 5.77 -10.06
CA TRP B 439 25.44 5.54 -9.81
C TRP B 439 26.13 6.79 -9.27
N GLN B 440 25.69 7.95 -9.74
CA GLN B 440 26.23 9.25 -9.34
C GLN B 440 26.17 9.45 -7.83
N ILE B 441 25.15 8.89 -7.20
CA ILE B 441 24.97 9.04 -5.76
C ILE B 441 25.21 7.73 -4.99
N LEU B 442 25.29 6.62 -5.72
CA LEU B 442 25.70 5.33 -5.14
C LEU B 442 27.18 5.33 -4.74
N THR B 443 27.92 6.30 -5.27
CA THR B 443 29.35 6.41 -4.99
C THR B 443 29.65 7.15 -3.67
N HIS B 444 28.60 7.39 -2.89
CA HIS B 444 28.75 7.90 -1.53
C HIS B 444 28.88 6.75 -0.54
N LEU B 445 28.52 5.55 -0.99
CA LEU B 445 28.71 4.35 -0.19
C LEU B 445 30.08 3.74 -0.47
N PRO B 446 30.57 2.89 0.44
CA PRO B 446 31.75 2.07 0.15
C PRO B 446 31.36 0.89 -0.74
N GLU B 447 31.93 -0.30 -0.52
CA GLU B 447 31.55 -1.49 -1.28
C GLU B 447 31.38 -2.72 -0.38
N ASN B 448 31.32 -3.90 -0.98
CA ASN B 448 30.97 -5.16 -0.28
C ASN B 448 29.65 -5.07 0.51
N GLN B 449 29.45 -3.97 1.23
CA GLN B 449 28.15 -3.68 1.84
C GLN B 449 27.16 -3.10 0.81
N LEU B 450 27.61 -3.04 -0.46
CA LEU B 450 26.73 -2.93 -1.63
C LEU B 450 26.37 -4.34 -2.13
N GLY B 451 25.90 -5.19 -1.20
CA GLY B 451 25.71 -6.62 -1.46
C GLY B 451 24.59 -7.04 -2.40
N ARG B 452 23.86 -6.06 -2.92
CA ARG B 452 22.76 -6.33 -3.85
C ARG B 452 23.12 -5.94 -5.27
N ILE B 453 24.28 -5.29 -5.42
CA ILE B 453 24.81 -4.92 -6.72
C ILE B 453 25.83 -5.99 -7.14
N ASP B 454 25.55 -6.65 -8.25
CA ASP B 454 26.40 -7.73 -8.74
C ASP B 454 27.70 -7.13 -9.28
N ASN B 455 28.83 -7.65 -8.80
CA ASN B 455 30.15 -7.15 -9.18
C ASN B 455 30.36 -6.98 -10.69
N LYS B 456 29.64 -7.79 -11.47
CA LYS B 456 29.68 -7.70 -12.93
C LYS B 456 29.21 -6.33 -13.44
N TYR B 457 28.45 -5.61 -12.61
CA TYR B 457 27.88 -4.32 -12.99
C TYR B 457 28.70 -3.14 -12.47
N ILE B 458 29.22 -3.25 -11.26
CA ILE B 458 30.09 -2.19 -10.74
C ILE B 458 31.36 -2.09 -11.57
N GLN B 459 31.98 -3.22 -11.84
CA GLN B 459 33.20 -3.25 -12.65
C GLN B 459 32.94 -2.77 -14.07
N LYS B 460 31.73 -2.99 -14.59
CA LYS B 460 31.37 -2.48 -15.92
C LYS B 460 31.14 -0.97 -15.84
N TYR B 461 29.98 -0.55 -15.34
CA TYR B 461 29.83 0.85 -15.00
C TYR B 461 29.74 1.08 -13.51
N HIS B 462 30.78 1.75 -13.00
CA HIS B 462 30.81 2.36 -11.69
C HIS B 462 31.86 3.44 -11.91
N PRO B 463 31.53 4.71 -11.60
CA PRO B 463 32.48 5.82 -11.78
C PRO B 463 33.81 5.61 -11.05
N ALA B 464 34.53 4.58 -11.48
CA ALA B 464 35.87 4.19 -10.99
C ALA B 464 36.48 3.18 -11.97
N HIS B 465 35.64 2.70 -12.90
CA HIS B 465 36.02 1.69 -13.89
C HIS B 465 35.19 1.92 -15.17
N ARG B 466 35.86 2.36 -16.25
CA ARG B 466 35.19 2.62 -17.53
C ARG B 466 34.87 1.33 -18.28
#